data_2GM9
#
_entry.id   2GM9
#
_cell.length_a   126.781
_cell.length_b   126.781
_cell.length_c   115.144
_cell.angle_alpha   90.00
_cell.angle_beta   90.00
_cell.angle_gamma   90.00
#
_symmetry.space_group_name_H-M   'P 43 21 2'
#
loop_
_entity.id
_entity.type
_entity.pdbx_description
1 polymer 'Glycogen phosphorylase, muscle form'
2 non-polymer '(5-HYDROXY-4,6-DIMETHYLPYRIDIN-3-YL)METHYL DIHYDROGEN PHOSPHATE'
3 non-polymer 2-CHLORO-N-[(3R)-2-OXO-1,2,3,4-TETRAHYDROQUINOLIN-3-YL]-6H-THIENO[2,3-B]PYRROLE-5-CARBOXAMIDE
4 water water
#
_entity_poly.entity_id   1
_entity_poly.type   'polypeptide(L)'
_entity_poly.pdbx_seq_one_letter_code
;QISVRGLAGVENVTELKKNFNRHLHFTLVKDRNVATPRDYYFALAHTVRDHLVGRWIRTQQHYYEKDPKRIYYLSLEFYM
GRTLQNTMVNLALENACDEATYQLGLDMEELEEIEEDAGLGNGGLGRLAACFLDSMATLGLAAYGYGIRYEFGIFNQKIC
GGWQMEEADDWLRYGNPWEKARPEFTLPVHFYGRVEHTSQGAKWVDTQVVLAMPYDTPVPGYRNNVVNTMRLWSAKAPND
FNLKDFNVGGYIQAVLDRNLAENISRVLYPNDNFFEGKELRLKQEYFVVAATLQDIIRRFKSSKFGCRDPVRTNFDAFPD
KVAIQLNDTHPSLAIPELMRVLVDLERLDWDKAWEVTVKTCAYTNHTVLPEALERWPVHLLETLLPRHLQIIYEINQRFL
NRVAAAFPGDVDRLRRMSLVEEGAVKRINMAHLCIAGSHAVNGVARIHSEILKKTIFKDFYELEPHKFQNKTNGITPRRW
LVLCNPGLAEIIAERIGEEYISDLDQLRKLLSYVDDEAFIRDVAKVKQENKLKFAAYLEREYKVHINPNSLFDVQVKRIH
EYKRQLLNCLHVITLYNRIKKEPNKFVVPRTVMIGGKAAPGYHMAKMIIKLITAIGDVVNHDPVVGDRLRVIFLENYRVS
LAEKVIPAADLSEQISTAGTEASGTGNMKFMLNGALTIGTMDGANVEMAEEAGEENFFIFGMRVEDVDRLDQRGYNAQEY
YDRIPELRQIIEQLSSGFFSPKQPDLFKDIVNMLMHHDRFKVFADYEEYVKCQERVSALYKNPREWTRMVIRNIATSGKF
SSDRTIAQYAREIWGVEPSRQRLPA
;
_entity_poly.pdbx_strand_id   A
#
loop_
_chem_comp.id
_chem_comp.type
_chem_comp.name
_chem_comp.formula
3TH non-polymer 2-CHLORO-N-[(3R)-2-OXO-1,2,3,4-TETRAHYDROQUINOLIN-3-YL]-6H-THIENO[2,3-B]PYRROLE-5-CARBOXAMIDE 'C16 H12 Cl N3 O2 S'
PLR non-polymer '(5-HYDROXY-4,6-DIMETHYLPYRIDIN-3-YL)METHYL DIHYDROGEN PHOSPHATE' 'C8 H12 N O5 P'
#
# COMPACT_ATOMS: atom_id res chain seq x y z
N GLN A 1 19.91 26.68 3.64
CA GLN A 1 19.17 25.53 3.06
C GLN A 1 19.00 24.52 4.21
N ILE A 2 18.55 23.31 3.86
CA ILE A 2 18.07 22.34 4.84
C ILE A 2 19.17 21.32 5.17
N SER A 3 19.59 21.30 6.43
CA SER A 3 20.74 20.49 6.84
C SER A 3 20.47 18.99 6.81
N VAL A 4 19.23 18.58 7.11
CA VAL A 4 18.86 17.16 6.98
C VAL A 4 19.07 16.55 5.56
N ARG A 5 19.10 17.39 4.53
CA ARG A 5 19.40 16.95 3.15
C ARG A 5 20.90 16.92 2.85
N GLY A 6 21.72 17.11 3.88
CA GLY A 6 23.15 16.90 3.80
C GLY A 6 23.98 18.01 3.18
N LEU A 7 25.21 17.64 2.87
CA LEU A 7 26.30 18.56 2.55
C LEU A 7 26.45 18.72 1.03
N ALA A 8 26.70 19.95 0.59
CA ALA A 8 26.96 20.22 -0.79
C ALA A 8 28.47 20.38 -0.93
N GLY A 9 29.16 19.25 -0.78
CA GLY A 9 30.61 19.15 -0.90
C GLY A 9 31.11 19.77 -2.20
N VAL A 10 32.13 20.60 -2.09
CA VAL A 10 32.61 21.33 -3.26
C VAL A 10 33.08 20.42 -4.44
N GLU A 11 33.87 19.40 -4.12
CA GLU A 11 34.29 18.42 -5.10
C GLU A 11 33.09 17.54 -5.50
N ASN A 12 32.18 17.24 -4.58
CA ASN A 12 31.00 16.45 -4.94
C ASN A 12 30.15 17.16 -6.00
N VAL A 13 29.88 18.43 -5.79
CA VAL A 13 29.10 19.21 -6.76
C VAL A 13 29.80 19.21 -8.11
N THR A 14 31.10 19.50 -8.11
CA THR A 14 31.89 19.52 -9.31
C THR A 14 31.79 18.23 -10.09
N GLU A 15 31.89 17.12 -9.35
CA GLU A 15 31.87 15.80 -9.93
C GLU A 15 30.47 15.44 -10.52
N LEU A 16 29.43 15.69 -9.71
CA LEU A 16 28.01 15.62 -10.10
C LEU A 16 27.74 16.36 -11.43
N LYS A 17 28.17 17.61 -11.51
CA LYS A 17 27.99 18.37 -12.74
C LYS A 17 28.69 17.69 -13.91
N LYS A 18 29.91 17.21 -13.66
CA LYS A 18 30.71 16.64 -14.72
C LYS A 18 29.95 15.44 -15.26
N ASN A 19 29.39 14.68 -14.35
CA ASN A 19 28.79 13.39 -14.69
C ASN A 19 27.40 13.55 -15.27
N PHE A 20 26.70 14.60 -14.83
CA PHE A 20 25.46 15.05 -15.46
C PHE A 20 25.64 15.33 -16.96
N ASN A 21 26.64 16.16 -17.24
CA ASN A 21 27.04 16.55 -18.60
C ASN A 21 27.56 15.37 -19.40
N ARG A 22 28.18 14.43 -18.71
CA ARG A 22 28.68 13.22 -19.35
C ARG A 22 27.51 12.38 -19.87
N HIS A 23 26.55 12.06 -18.99
CA HIS A 23 25.36 11.28 -19.39
C HIS A 23 24.52 11.96 -20.50
N LEU A 24 24.31 13.27 -20.38
CA LEU A 24 23.54 14.07 -21.37
C LEU A 24 24.10 13.87 -22.78
N HIS A 25 25.44 13.88 -22.89
CA HIS A 25 26.18 13.63 -24.14
C HIS A 25 26.19 12.12 -24.53
N PHE A 26 26.71 11.25 -23.66
CA PHE A 26 26.96 9.85 -24.00
C PHE A 26 25.76 8.91 -23.83
N THR A 27 24.89 9.19 -22.85
CA THR A 27 23.73 8.36 -22.56
C THR A 27 22.48 8.86 -23.27
N LEU A 28 22.30 10.18 -23.31
CA LEU A 28 21.11 10.76 -23.95
C LEU A 28 21.36 11.28 -25.36
N VAL A 29 22.62 11.40 -25.74
CA VAL A 29 22.99 11.88 -27.06
C VAL A 29 22.32 13.23 -27.34
N LYS A 30 22.48 14.18 -26.41
CA LYS A 30 22.00 15.56 -26.56
C LYS A 30 23.08 16.61 -26.31
N ASP A 31 22.92 17.77 -26.94
CA ASP A 31 23.68 19.01 -26.68
C ASP A 31 22.75 19.87 -25.78
N ARG A 32 23.24 20.94 -25.15
CA ARG A 32 22.34 21.77 -24.31
C ARG A 32 21.32 22.53 -25.12
N ASN A 33 21.42 22.45 -26.44
CA ASN A 33 20.57 23.22 -27.32
C ASN A 33 19.30 22.50 -27.70
N VAL A 34 19.35 21.17 -27.86
CA VAL A 34 18.12 20.41 -28.10
C VAL A 34 17.49 19.83 -26.84
N ALA A 35 18.17 19.95 -25.69
CA ALA A 35 17.77 19.24 -24.47
C ALA A 35 16.48 19.76 -23.80
N THR A 36 15.63 18.83 -23.40
CA THR A 36 14.35 19.15 -22.73
C THR A 36 14.48 18.89 -21.23
N PRO A 37 13.54 19.41 -20.41
CA PRO A 37 13.55 19.01 -19.01
C PRO A 37 13.54 17.51 -18.81
N ARG A 38 12.98 16.75 -19.75
CA ARG A 38 12.98 15.29 -19.60
C ARG A 38 14.36 14.74 -19.75
N ASP A 39 15.12 15.21 -20.76
CA ASP A 39 16.55 14.84 -20.91
C ASP A 39 17.37 15.19 -19.64
N TYR A 40 17.06 16.35 -19.07
CA TYR A 40 17.76 16.81 -17.87
C TYR A 40 17.43 15.92 -16.69
N TYR A 41 16.17 15.48 -16.58
CA TYR A 41 15.76 14.57 -15.52
C TYR A 41 16.53 13.26 -15.65
N PHE A 42 16.68 12.75 -16.86
CA PHE A 42 17.33 11.45 -17.04
C PHE A 42 18.86 11.49 -16.82
N ALA A 43 19.48 12.61 -17.20
CA ALA A 43 20.91 12.80 -16.98
C ALA A 43 21.19 12.80 -15.46
N LEU A 44 20.31 13.47 -14.71
CA LEU A 44 20.35 13.44 -13.26
C LEU A 44 20.12 12.03 -12.70
N ALA A 45 19.06 11.38 -13.16
CA ALA A 45 18.75 10.02 -12.72
C ALA A 45 19.96 9.08 -12.94
N HIS A 46 20.60 9.13 -14.14
CA HIS A 46 21.78 8.29 -14.40
C HIS A 46 22.95 8.63 -13.45
N THR A 47 23.18 9.94 -13.28
CA THR A 47 24.26 10.48 -12.46
C THR A 47 24.11 9.99 -11.02
N VAL A 48 22.85 10.03 -10.54
CA VAL A 48 22.51 9.64 -9.17
C VAL A 48 22.54 8.12 -9.06
N ARG A 49 21.98 7.43 -10.07
CA ARG A 49 22.03 5.97 -10.13
C ARG A 49 23.45 5.42 -10.02
N ASP A 50 24.42 6.07 -10.65
CA ASP A 50 25.83 5.62 -10.55
C ASP A 50 26.32 5.49 -9.10
N HIS A 51 25.88 6.37 -8.21
CA HIS A 51 26.22 6.25 -6.79
C HIS A 51 25.69 5.03 -6.02
N LEU A 52 24.73 4.29 -6.59
CA LEU A 52 24.23 3.09 -5.95
C LEU A 52 25.11 1.90 -6.20
N VAL A 53 25.83 1.93 -7.34
CA VAL A 53 26.38 0.70 -7.94
C VAL A 53 27.43 -0.05 -7.10
N GLY A 54 28.44 0.71 -6.64
CA GLY A 54 29.46 0.17 -5.75
C GLY A 54 28.83 -0.46 -4.54
N ARG A 55 27.87 0.23 -3.92
CA ARG A 55 27.19 -0.36 -2.73
C ARG A 55 26.34 -1.55 -3.03
N TRP A 56 25.77 -1.58 -4.24
CA TRP A 56 24.84 -2.68 -4.64
C TRP A 56 25.65 -3.97 -4.83
N ILE A 57 26.77 -3.87 -5.52
CA ILE A 57 27.70 -4.98 -5.67
C ILE A 57 28.30 -5.39 -4.32
N ARG A 58 28.72 -4.42 -3.53
CA ARG A 58 29.39 -4.70 -2.27
C ARG A 58 28.42 -5.37 -1.30
N THR A 59 27.18 -4.88 -1.22
CA THR A 59 26.17 -5.44 -0.33
C THR A 59 25.85 -6.90 -0.63
N GLN A 60 25.55 -7.18 -1.89
CA GLN A 60 25.20 -8.55 -2.28
C GLN A 60 26.37 -9.50 -2.05
N GLN A 61 27.60 -9.06 -2.36
CA GLN A 61 28.80 -9.88 -2.11
C GLN A 61 29.00 -10.09 -0.60
N HIS A 62 28.81 -9.05 0.18
CA HIS A 62 28.84 -9.19 1.63
C HIS A 62 27.82 -10.24 2.16
N TYR A 63 26.64 -10.35 1.56
CA TYR A 63 25.71 -11.41 1.95
C TYR A 63 26.23 -12.80 1.54
N TYR A 64 26.81 -12.90 0.35
CA TYR A 64 27.38 -14.17 -0.07
C TYR A 64 28.39 -14.76 0.94
N GLU A 65 29.26 -13.92 1.48
CA GLU A 65 30.32 -14.39 2.42
C GLU A 65 29.92 -14.41 3.91
N LYS A 66 29.04 -13.53 4.35
CA LYS A 66 28.51 -13.63 5.72
C LYS A 66 27.45 -14.76 5.81
N ASP A 67 26.84 -15.10 4.69
CA ASP A 67 25.80 -16.15 4.60
C ASP A 67 24.76 -16.06 5.71
N PRO A 68 24.13 -14.88 5.85
CA PRO A 68 23.05 -14.80 6.80
C PRO A 68 21.79 -15.46 6.20
N LYS A 69 20.79 -15.60 7.05
CA LYS A 69 19.50 -16.09 6.66
C LYS A 69 18.90 -15.09 5.67
N ARG A 70 18.41 -15.58 4.54
CA ARG A 70 17.80 -14.73 3.51
C ARG A 70 16.28 -14.69 3.69
N ILE A 71 15.76 -13.46 3.65
CA ILE A 71 14.33 -13.16 3.73
C ILE A 71 13.78 -12.89 2.34
N TYR A 72 12.73 -13.62 1.98
CA TYR A 72 12.11 -13.44 0.69
C TYR A 72 10.69 -12.91 0.80
N TYR A 73 10.51 -11.67 0.36
CA TYR A 73 9.25 -10.98 0.48
C TYR A 73 8.45 -11.06 -0.83
N LEU A 74 7.54 -12.03 -0.89
CA LEU A 74 6.69 -12.33 -2.05
C LEU A 74 5.39 -11.50 -2.01
N SER A 75 5.21 -10.76 -3.10
CA SER A 75 4.11 -9.83 -3.21
C SER A 75 3.77 -9.65 -4.67
N LEU A 76 2.47 -9.67 -4.95
CA LEU A 76 1.97 -9.35 -6.27
C LEU A 76 2.03 -7.84 -6.54
N GLU A 77 2.30 -7.06 -5.49
CA GLU A 77 2.42 -5.60 -5.57
C GLU A 77 3.60 -5.00 -4.79
N PHE A 78 4.28 -4.09 -5.47
CA PHE A 78 5.21 -3.15 -4.89
C PHE A 78 4.85 -1.77 -5.38
N TYR A 79 4.27 -0.99 -4.50
CA TYR A 79 3.76 0.35 -4.82
C TYR A 79 4.86 1.35 -4.49
N MET A 80 5.79 1.47 -5.43
CA MET A 80 7.10 2.08 -5.18
C MET A 80 7.10 3.61 -5.23
N GLY A 81 6.37 4.18 -6.16
CA GLY A 81 6.43 5.59 -6.40
C GLY A 81 7.67 5.90 -7.22
N ARG A 82 8.11 7.16 -7.17
CA ARG A 82 9.34 7.64 -7.87
C ARG A 82 10.55 7.23 -7.01
N THR A 83 11.74 7.18 -7.63
CA THR A 83 12.92 6.77 -6.88
C THR A 83 14.06 7.79 -6.92
N LEU A 84 14.00 8.84 -7.73
CA LEU A 84 15.14 9.79 -7.75
C LEU A 84 15.37 10.45 -6.37
N GLN A 85 14.35 11.12 -5.86
CA GLN A 85 14.43 11.76 -4.55
C GLN A 85 14.79 10.75 -3.45
N ASN A 86 14.13 9.58 -3.47
CA ASN A 86 14.43 8.58 -2.44
C ASN A 86 15.88 8.16 -2.48
N THR A 87 16.47 8.06 -3.66
CA THR A 87 17.86 7.64 -3.77
C THR A 87 18.81 8.70 -3.20
N MET A 88 18.57 9.95 -3.57
CA MET A 88 19.35 11.07 -3.07
C MET A 88 19.25 11.15 -1.56
N VAL A 89 18.07 10.94 -1.00
CA VAL A 89 17.88 11.07 0.44
C VAL A 89 18.68 10.00 1.18
N ASN A 90 18.54 8.75 0.76
CA ASN A 90 19.18 7.65 1.46
C ASN A 90 20.71 7.63 1.28
N LEU A 91 21.16 8.40 0.30
CA LEU A 91 22.60 8.48 -0.04
C LEU A 91 23.23 9.80 0.39
N ALA A 92 22.48 10.64 1.07
CA ALA A 92 22.94 12.00 1.53
C ALA A 92 23.44 12.94 0.39
N LEU A 93 22.82 12.79 -0.78
CA LEU A 93 23.20 13.45 -2.03
C LEU A 93 22.27 14.56 -2.43
N GLU A 94 21.20 14.78 -1.66
CA GLU A 94 20.14 15.70 -2.05
C GLU A 94 20.57 17.17 -2.18
N ASN A 95 21.21 17.73 -1.14
CA ASN A 95 21.62 19.12 -1.17
C ASN A 95 22.68 19.35 -2.26
N ALA A 96 23.55 18.34 -2.42
CA ALA A 96 24.62 18.37 -3.39
C ALA A 96 24.09 18.38 -4.81
N CYS A 97 23.09 17.52 -5.12
CA CYS A 97 22.49 17.46 -6.46
C CYS A 97 21.73 18.73 -6.74
N ASP A 98 21.11 19.25 -5.68
CA ASP A 98 20.32 20.47 -5.78
C ASP A 98 21.20 21.65 -6.16
N GLU A 99 22.37 21.73 -5.55
CA GLU A 99 23.39 22.75 -5.86
C GLU A 99 23.98 22.56 -7.26
N ALA A 100 24.35 21.31 -7.59
CA ALA A 100 24.93 20.98 -8.92
C ALA A 100 23.98 21.34 -10.05
N THR A 101 22.71 20.98 -9.89
CA THR A 101 21.68 21.34 -10.87
C THR A 101 21.42 22.82 -10.87
N TYR A 102 21.50 23.43 -9.71
CA TYR A 102 21.40 24.89 -9.59
C TYR A 102 22.52 25.61 -10.37
N GLN A 103 23.75 25.12 -10.26
CA GLN A 103 24.88 25.75 -10.96
C GLN A 103 24.75 25.55 -12.49
N LEU A 104 24.06 24.48 -12.91
CA LEU A 104 23.78 24.24 -14.32
C LEU A 104 22.54 24.99 -14.81
N GLY A 105 21.87 25.74 -13.92
CA GLY A 105 20.73 26.57 -14.32
C GLY A 105 19.42 25.80 -14.32
N LEU A 106 19.36 24.73 -13.51
CA LEU A 106 18.19 23.84 -13.46
C LEU A 106 17.58 23.79 -12.07
N ASP A 107 16.26 23.66 -12.01
CA ASP A 107 15.50 23.45 -10.79
C ASP A 107 15.20 21.93 -10.63
N MET A 108 15.87 21.31 -9.66
CA MET A 108 15.85 19.88 -9.46
C MET A 108 14.46 19.37 -9.15
N GLU A 109 13.68 20.14 -8.40
CA GLU A 109 12.29 19.74 -8.12
C GLU A 109 11.45 19.67 -9.36
N GLU A 110 11.68 20.62 -10.26
CA GLU A 110 11.02 20.58 -11.55
C GLU A 110 11.38 19.29 -12.31
N LEU A 111 12.64 18.85 -12.18
CA LEU A 111 13.16 17.64 -12.85
C LEU A 111 12.55 16.36 -12.26
N GLU A 112 12.34 16.38 -10.95
CA GLU A 112 11.73 15.28 -10.24
C GLU A 112 10.27 15.03 -10.71
N GLU A 113 9.57 16.09 -11.07
CA GLU A 113 8.20 16.01 -11.51
C GLU A 113 8.01 15.28 -12.84
N ILE A 114 9.10 15.03 -13.54
CA ILE A 114 9.07 14.28 -14.78
C ILE A 114 9.05 12.77 -14.52
N GLU A 115 9.58 12.34 -13.38
CA GLU A 115 9.64 10.91 -13.12
C GLU A 115 8.24 10.26 -12.94
N GLU A 116 8.04 9.16 -13.66
CA GLU A 116 6.80 8.42 -13.59
C GLU A 116 6.82 7.58 -12.30
N ASP A 117 5.70 7.51 -11.60
CA ASP A 117 5.58 6.48 -10.56
C ASP A 117 5.80 5.05 -11.09
N ALA A 118 6.48 4.24 -10.31
CA ALA A 118 6.30 2.80 -10.37
C ALA A 118 5.07 2.52 -9.48
N GLY A 119 3.88 2.50 -10.13
CA GLY A 119 2.58 2.31 -9.44
C GLY A 119 2.11 0.87 -9.63
N LEU A 120 2.97 -0.05 -9.19
CA LEU A 120 2.72 -1.48 -9.29
C LEU A 120 2.05 -2.01 -8.04
N GLY A 121 1.09 -1.25 -7.53
CA GLY A 121 0.20 -1.69 -6.46
C GLY A 121 -1.08 -0.90 -6.54
N ASN A 122 -2.04 -1.30 -5.72
CA ASN A 122 -3.41 -0.74 -5.71
C ASN A 122 -3.61 0.23 -4.55
N GLY A 123 -3.08 -0.09 -3.38
CA GLY A 123 -3.37 0.71 -2.18
C GLY A 123 -2.45 0.34 -1.02
N GLY A 124 -3.01 -0.06 0.11
CA GLY A 124 -2.22 -0.26 1.32
C GLY A 124 -1.20 -1.40 1.31
N LEU A 125 -1.69 -2.59 1.01
CA LEU A 125 -0.87 -3.80 0.90
C LEU A 125 0.31 -3.58 -0.02
N GLY A 126 0.10 -2.93 -1.16
CA GLY A 126 1.16 -2.65 -2.14
C GLY A 126 2.22 -1.68 -1.64
N ARG A 127 1.76 -0.66 -0.91
CA ARG A 127 2.64 0.36 -0.34
C ARG A 127 3.37 -0.18 0.89
N LEU A 128 2.69 -1.00 1.68
CA LEU A 128 3.34 -1.63 2.81
C LEU A 128 4.54 -2.42 2.32
N ALA A 129 4.36 -3.23 1.25
CA ALA A 129 5.49 -3.91 0.57
C ALA A 129 6.67 -2.96 0.27
N ALA A 130 6.38 -1.77 -0.27
CA ALA A 130 7.37 -0.77 -0.57
C ALA A 130 8.11 -0.16 0.65
N CYS A 131 7.35 0.22 1.68
CA CYS A 131 7.92 0.68 2.95
C CYS A 131 8.73 -0.43 3.59
N PHE A 132 8.25 -1.67 3.47
CA PHE A 132 8.94 -2.82 4.03
C PHE A 132 10.30 -3.04 3.37
N LEU A 133 10.38 -3.00 2.04
CA LEU A 133 11.69 -3.13 1.36
C LEU A 133 12.71 -2.07 1.89
N ASP A 134 12.28 -0.82 1.96
CA ASP A 134 13.02 0.30 2.55
C ASP A 134 13.52 0.04 3.99
N SER A 135 12.62 -0.42 4.87
CA SER A 135 12.99 -0.64 6.25
C SER A 135 13.91 -1.87 6.39
N MET A 136 13.74 -2.86 5.54
CA MET A 136 14.63 -4.02 5.62
C MET A 136 16.02 -3.67 5.20
N ALA A 137 16.18 -2.69 4.33
CA ALA A 137 17.52 -2.30 3.86
C ALA A 137 18.18 -1.44 4.92
N THR A 138 17.38 -0.57 5.52
CA THR A 138 17.84 0.27 6.57
C THR A 138 18.14 -0.56 7.83
N LEU A 139 17.47 -1.71 8.05
CA LEU A 139 17.85 -2.54 9.18
C LEU A 139 18.92 -3.59 8.84
N GLY A 140 19.56 -3.49 7.69
CA GLY A 140 20.67 -4.38 7.38
C GLY A 140 20.32 -5.82 7.16
N LEU A 141 19.07 -6.10 6.81
CA LEU A 141 18.60 -7.45 6.49
C LEU A 141 18.90 -7.88 5.03
N ALA A 142 19.33 -9.13 4.85
CA ALA A 142 19.58 -9.69 3.52
C ALA A 142 18.21 -10.12 3.02
N ALA A 143 17.48 -9.10 2.56
CA ALA A 143 16.07 -9.22 2.17
C ALA A 143 15.91 -8.99 0.67
N TYR A 144 15.13 -9.86 0.05
CA TYR A 144 14.85 -9.72 -1.38
C TYR A 144 13.37 -9.56 -1.55
N GLY A 145 12.99 -8.48 -2.23
CA GLY A 145 11.66 -8.31 -2.78
C GLY A 145 11.46 -9.03 -4.11
N TYR A 146 10.35 -9.75 -4.22
CA TYR A 146 10.09 -10.63 -5.37
C TYR A 146 8.67 -10.43 -5.84
N GLY A 147 8.52 -9.90 -7.04
CA GLY A 147 7.20 -9.63 -7.63
C GLY A 147 7.16 -9.77 -9.15
N ILE A 148 6.23 -9.02 -9.77
CA ILE A 148 6.03 -9.00 -11.20
C ILE A 148 6.26 -7.61 -11.73
N ARG A 149 7.02 -7.52 -12.83
CA ARG A 149 7.21 -6.25 -13.51
C ARG A 149 6.03 -6.02 -14.45
N TYR A 150 4.97 -5.41 -13.94
CA TYR A 150 3.84 -5.13 -14.78
C TYR A 150 4.25 -4.12 -15.86
N GLU A 151 3.86 -4.41 -17.10
CA GLU A 151 4.04 -3.44 -18.16
C GLU A 151 3.18 -2.21 -17.88
N PHE A 152 1.97 -2.45 -17.34
CA PHE A 152 1.09 -1.38 -16.92
C PHE A 152 0.68 -1.55 -15.45
N GLY A 153 0.96 -0.52 -14.65
CA GLY A 153 0.62 -0.51 -13.24
C GLY A 153 -0.82 -0.05 -13.09
N ILE A 154 -1.11 0.56 -11.94
CA ILE A 154 -2.48 0.93 -11.62
C ILE A 154 -2.86 2.02 -12.62
N PHE A 155 -4.02 1.86 -13.25
CA PHE A 155 -4.50 2.76 -14.28
C PHE A 155 -4.37 4.24 -13.86
N ASN A 156 -3.94 5.05 -14.82
CA ASN A 156 -4.10 6.46 -14.76
C ASN A 156 -5.58 6.90 -14.73
N GLN A 157 -5.99 7.55 -13.65
CA GLN A 157 -7.33 8.07 -13.53
C GLN A 157 -7.47 9.50 -14.06
N LYS A 158 -8.37 9.67 -15.00
CA LYS A 158 -8.82 10.97 -15.41
C LYS A 158 -10.28 11.09 -14.96
N ILE A 159 -10.74 12.31 -14.83
CA ILE A 159 -12.11 12.62 -14.47
C ILE A 159 -12.71 13.44 -15.61
N CYS A 160 -13.77 12.91 -16.23
CA CYS A 160 -14.41 13.56 -17.36
C CYS A 160 -15.90 13.63 -17.16
N GLY A 161 -16.42 14.86 -17.10
CA GLY A 161 -17.83 15.08 -16.84
C GLY A 161 -18.18 14.59 -15.44
N GLY A 162 -17.22 14.70 -14.53
CA GLY A 162 -17.39 14.23 -13.16
C GLY A 162 -17.16 12.75 -12.92
N TRP A 163 -16.86 12.00 -13.98
CA TRP A 163 -16.77 10.56 -14.00
C TRP A 163 -15.32 10.11 -14.15
N GLN A 164 -14.96 9.02 -13.49
CA GLN A 164 -13.64 8.44 -13.67
C GLN A 164 -13.53 7.76 -15.04
N MET A 165 -12.44 8.06 -15.75
CA MET A 165 -12.03 7.33 -16.92
C MET A 165 -10.69 6.66 -16.60
N GLU A 166 -10.49 5.45 -17.12
CA GLU A 166 -9.27 4.69 -16.98
C GLU A 166 -8.45 4.74 -18.28
N GLU A 167 -7.15 5.04 -18.12
CA GLU A 167 -6.21 4.99 -19.24
C GLU A 167 -5.02 4.15 -18.78
N ALA A 168 -4.45 3.42 -19.73
CA ALA A 168 -3.26 2.60 -19.46
C ALA A 168 -2.12 3.44 -18.85
N ASP A 169 -1.52 2.91 -17.80
CA ASP A 169 -0.38 3.51 -17.11
C ASP A 169 0.91 3.03 -17.79
N ASP A 170 1.29 3.69 -18.87
CA ASP A 170 2.46 3.32 -19.66
C ASP A 170 3.74 3.90 -19.04
N TRP A 171 4.12 3.33 -17.90
CA TRP A 171 5.16 3.90 -17.06
C TRP A 171 6.57 3.65 -17.58
N LEU A 172 6.77 2.64 -18.44
CA LEU A 172 8.08 2.36 -19.09
C LEU A 172 8.29 3.04 -20.46
N ARG A 173 7.34 3.90 -20.81
CA ARG A 173 7.29 4.65 -22.08
C ARG A 173 8.68 5.24 -22.43
N TYR A 174 9.26 5.99 -21.49
CA TYR A 174 10.52 6.68 -21.74
C TYR A 174 11.74 5.98 -21.15
N GLY A 175 11.61 4.69 -20.83
CA GLY A 175 12.62 3.97 -20.05
C GLY A 175 12.56 4.14 -18.52
N ASN A 176 13.15 3.15 -17.83
CA ASN A 176 13.27 3.06 -16.38
C ASN A 176 14.76 3.00 -16.10
N PRO A 177 15.31 4.14 -15.66
CA PRO A 177 16.74 4.21 -15.40
C PRO A 177 17.15 3.39 -14.17
N TRP A 178 16.20 2.99 -13.35
CA TRP A 178 16.49 2.47 -12.02
C TRP A 178 16.65 0.97 -12.00
N GLU A 179 16.01 0.28 -12.95
CA GLU A 179 16.05 -1.16 -13.05
C GLU A 179 17.24 -1.64 -13.91
N LYS A 180 17.65 -2.88 -13.61
CA LYS A 180 18.65 -3.59 -14.39
C LYS A 180 18.16 -5.00 -14.85
N ALA A 181 18.06 -5.14 -16.16
CA ALA A 181 17.60 -6.36 -16.77
C ALA A 181 18.66 -7.42 -16.55
N ARG A 182 18.22 -8.61 -16.19
CA ARG A 182 19.14 -9.71 -16.05
C ARG A 182 18.66 -10.86 -16.98
N PRO A 183 18.59 -10.60 -18.31
CA PRO A 183 18.04 -11.65 -19.22
C PRO A 183 18.78 -12.98 -19.13
N GLU A 184 20.05 -12.92 -18.74
CA GLU A 184 20.85 -14.12 -18.48
C GLU A 184 20.44 -14.96 -17.30
N PHE A 185 19.62 -14.44 -16.43
CA PHE A 185 19.14 -15.21 -15.30
C PHE A 185 17.64 -15.62 -15.51
N THR A 186 17.19 -15.57 -16.78
CA THR A 186 15.87 -16.04 -17.20
C THR A 186 15.61 -17.53 -16.89
N LEU A 187 14.36 -17.85 -16.54
CA LEU A 187 13.95 -19.13 -15.94
C LEU A 187 12.65 -19.57 -16.53
N PRO A 188 12.47 -20.88 -16.76
CA PRO A 188 11.18 -21.43 -17.27
C PRO A 188 10.13 -21.70 -16.19
N VAL A 189 8.91 -21.29 -16.44
CA VAL A 189 7.75 -21.56 -15.59
C VAL A 189 6.81 -22.39 -16.45
N HIS A 190 6.14 -23.33 -15.82
CA HIS A 190 5.31 -24.30 -16.52
C HIS A 190 3.82 -24.11 -16.18
N PHE A 191 2.97 -24.26 -17.18
CA PHE A 191 1.53 -24.28 -17.01
C PHE A 191 0.90 -25.46 -17.77
N TYR A 192 -0.31 -25.78 -17.33
CA TYR A 192 -1.16 -26.81 -17.95
C TYR A 192 -0.53 -28.18 -17.81
N GLY A 193 -0.47 -28.98 -18.88
CA GLY A 193 0.17 -30.28 -18.83
C GLY A 193 -0.61 -31.24 -17.96
N ARG A 194 0.08 -32.27 -17.49
CA ARG A 194 -0.55 -33.31 -16.67
C ARG A 194 0.49 -34.08 -15.89
N VAL A 195 0.00 -34.94 -14.98
CA VAL A 195 0.85 -35.69 -14.07
C VAL A 195 1.01 -37.17 -14.47
N GLU A 196 2.27 -37.60 -14.57
CA GLU A 196 2.62 -39.01 -14.68
C GLU A 196 3.13 -39.50 -13.34
N HIS A 197 2.40 -40.45 -12.73
CA HIS A 197 2.84 -41.10 -11.50
C HIS A 197 3.53 -42.39 -11.84
N THR A 198 4.85 -42.41 -11.74
CA THR A 198 5.68 -43.59 -12.06
C THR A 198 6.65 -44.02 -10.93
N SER A 199 7.97 -43.92 -11.20
CA SER A 199 9.04 -44.73 -10.54
C SER A 199 9.90 -43.95 -9.54
N GLN A 200 10.49 -42.83 -9.99
CA GLN A 200 10.98 -41.77 -9.09
C GLN A 200 9.83 -40.77 -8.74
N GLY A 201 8.63 -41.31 -8.49
CA GLY A 201 7.45 -40.50 -8.12
C GLY A 201 6.61 -39.88 -9.24
N ALA A 202 6.01 -38.70 -8.94
CA ALA A 202 5.20 -37.99 -9.91
C ALA A 202 6.08 -37.16 -10.85
N LYS A 203 5.53 -36.80 -11.99
CA LYS A 203 6.27 -36.13 -13.04
C LYS A 203 5.24 -35.25 -13.70
N TRP A 204 5.50 -33.96 -13.74
CA TRP A 204 4.62 -33.02 -14.39
C TRP A 204 5.17 -32.84 -15.79
N VAL A 205 4.33 -33.13 -16.80
CA VAL A 205 4.76 -33.21 -18.20
C VAL A 205 3.76 -32.55 -19.15
N ASP A 206 4.22 -32.31 -20.38
CA ASP A 206 3.38 -31.77 -21.43
C ASP A 206 2.91 -30.39 -21.07
N THR A 207 3.73 -29.66 -20.31
CA THR A 207 3.39 -28.30 -19.90
C THR A 207 3.63 -27.32 -21.06
N GLN A 208 2.98 -26.17 -20.98
CA GLN A 208 3.39 -25.01 -21.77
C GLN A 208 4.34 -24.13 -20.92
N VAL A 209 5.49 -23.78 -21.50
CA VAL A 209 6.48 -22.96 -20.83
C VAL A 209 6.23 -21.46 -21.05
N VAL A 210 6.35 -20.70 -19.98
CA VAL A 210 6.53 -19.26 -20.04
C VAL A 210 7.84 -18.90 -19.33
N LEU A 211 8.71 -18.18 -20.04
CA LEU A 211 9.94 -17.71 -19.44
C LEU A 211 9.71 -16.51 -18.53
N ALA A 212 10.49 -16.49 -17.44
CA ALA A 212 10.51 -15.43 -16.45
C ALA A 212 11.86 -14.73 -16.48
N MET A 213 11.84 -13.48 -16.92
CA MET A 213 13.03 -12.67 -17.08
C MET A 213 13.13 -11.71 -15.91
N PRO A 214 14.16 -11.85 -15.08
CA PRO A 214 14.21 -10.95 -13.90
C PRO A 214 14.72 -9.54 -14.23
N TYR A 215 14.13 -8.53 -13.61
CA TYR A 215 14.64 -7.18 -13.59
C TYR A 215 14.88 -6.77 -12.14
N ASP A 216 16.12 -6.35 -11.82
CA ASP A 216 16.56 -5.97 -10.46
C ASP A 216 16.61 -4.45 -10.29
N THR A 217 15.95 -3.98 -9.25
CA THR A 217 15.94 -2.58 -8.88
C THR A 217 16.67 -2.48 -7.53
N PRO A 218 17.53 -1.46 -7.40
CA PRO A 218 18.21 -1.19 -6.16
C PRO A 218 17.30 -0.66 -5.04
N VAL A 219 17.49 -1.22 -3.86
CA VAL A 219 16.79 -0.78 -2.64
C VAL A 219 17.78 -0.23 -1.56
N PRO A 220 17.97 1.11 -1.54
CA PRO A 220 18.92 1.77 -0.67
C PRO A 220 18.43 1.98 0.77
N GLY A 221 19.30 1.59 1.71
CA GLY A 221 19.02 1.78 3.13
C GLY A 221 19.38 3.20 3.51
N TYR A 222 18.92 3.66 4.66
CA TYR A 222 19.11 5.06 4.98
C TYR A 222 20.53 5.29 5.51
N ARG A 223 21.39 5.80 4.66
CA ARG A 223 22.74 6.21 5.06
C ARG A 223 23.63 5.12 5.74
N ASN A 224 23.40 3.86 5.40
CA ASN A 224 24.14 2.71 5.98
C ASN A 224 24.91 1.91 4.93
N ASN A 225 24.96 2.44 3.72
CA ASN A 225 25.66 1.83 2.61
C ASN A 225 25.13 0.46 2.13
N VAL A 226 23.91 0.15 2.52
CA VAL A 226 23.29 -1.11 2.16
C VAL A 226 22.47 -0.78 0.96
N VAL A 227 22.52 -1.65 -0.04
CA VAL A 227 21.61 -1.58 -1.21
C VAL A 227 21.15 -3.01 -1.50
N ASN A 228 19.88 -3.26 -1.20
CA ASN A 228 19.26 -4.56 -1.32
C ASN A 228 18.62 -4.62 -2.70
N THR A 229 17.90 -5.70 -3.01
CA THR A 229 17.36 -5.94 -4.36
C THR A 229 15.87 -6.17 -4.35
N MET A 230 15.14 -5.45 -5.23
CA MET A 230 13.78 -5.85 -5.64
C MET A 230 13.85 -6.54 -7.02
N ARG A 231 13.53 -7.83 -7.05
CA ARG A 231 13.47 -8.58 -8.30
C ARG A 231 12.02 -8.75 -8.79
N LEU A 232 11.77 -8.15 -9.95
CA LEU A 232 10.49 -8.22 -10.63
C LEU A 232 10.61 -9.01 -11.93
N TRP A 233 9.77 -10.04 -12.06
CA TRP A 233 9.81 -10.95 -13.21
C TRP A 233 8.90 -10.47 -14.34
N SER A 234 9.46 -10.55 -15.55
CA SER A 234 8.76 -10.24 -16.77
C SER A 234 8.54 -11.49 -17.66
N ALA A 235 7.32 -11.69 -18.11
CA ALA A 235 6.98 -12.82 -18.97
C ALA A 235 7.49 -12.70 -20.41
N LYS A 236 8.10 -13.79 -20.86
CA LYS A 236 8.64 -13.87 -22.20
C LYS A 236 8.30 -15.20 -22.83
N ALA A 237 8.03 -15.17 -24.13
CA ALA A 237 7.78 -16.41 -24.85
C ALA A 237 9.03 -17.23 -25.02
N PRO A 238 8.90 -18.54 -24.93
CA PRO A 238 10.01 -19.41 -25.24
C PRO A 238 10.27 -19.37 -26.75
N ASN A 239 11.38 -19.91 -27.26
CA ASN A 239 11.40 -20.28 -28.72
C ASN A 239 11.34 -21.82 -28.93
N GLY A 249 -2.42 -21.79 -38.53
CA GLY A 249 -2.12 -20.38 -38.18
C GLY A 249 -1.00 -19.84 -39.05
N GLY A 250 0.12 -20.55 -39.06
CA GLY A 250 1.24 -20.18 -39.92
C GLY A 250 2.22 -19.33 -39.12
N TYR A 251 3.38 -19.13 -39.71
CA TYR A 251 4.51 -18.46 -39.12
C TYR A 251 4.18 -17.13 -38.45
N ILE A 252 3.50 -16.26 -39.18
CA ILE A 252 3.26 -14.90 -38.73
C ILE A 252 2.41 -14.99 -37.47
N GLN A 253 1.32 -15.78 -37.52
CA GLN A 253 0.38 -15.84 -36.40
C GLN A 253 1.06 -16.41 -35.14
N ALA A 254 1.91 -17.39 -35.35
CA ALA A 254 2.68 -17.99 -34.28
C ALA A 254 3.57 -16.97 -33.60
N VAL A 255 4.23 -16.10 -34.39
CA VAL A 255 5.09 -15.07 -33.84
C VAL A 255 4.26 -14.07 -33.09
N LEU A 256 3.09 -13.70 -33.65
CA LEU A 256 2.15 -12.76 -32.98
C LEU A 256 1.54 -13.35 -31.70
N ASP A 257 1.24 -14.65 -31.74
CA ASP A 257 0.64 -15.40 -30.59
C ASP A 257 1.56 -15.50 -29.36
N ARG A 258 2.82 -15.10 -29.52
CA ARG A 258 3.76 -14.95 -28.39
C ARG A 258 3.28 -13.96 -27.33
N ASN A 259 2.44 -13.03 -27.78
CA ASN A 259 1.79 -12.02 -26.94
C ASN A 259 0.95 -12.65 -25.83
N LEU A 260 0.42 -13.82 -26.10
CA LEU A 260 -0.53 -14.44 -25.20
C LEU A 260 0.19 -14.80 -23.92
N ALA A 261 1.31 -15.51 -24.04
CA ALA A 261 2.15 -15.78 -22.86
C ALA A 261 2.73 -14.48 -22.26
N GLU A 262 3.07 -13.51 -23.10
CA GLU A 262 3.66 -12.27 -22.60
C GLU A 262 2.62 -11.43 -21.88
N ASN A 263 1.34 -11.72 -22.11
CA ASN A 263 0.28 -11.02 -21.42
C ASN A 263 0.27 -11.33 -19.92
N ILE A 264 0.97 -12.38 -19.50
CA ILE A 264 1.03 -12.69 -18.07
C ILE A 264 1.53 -11.49 -17.26
N SER A 265 2.60 -10.86 -17.67
CA SER A 265 3.09 -9.64 -16.95
C SER A 265 2.57 -8.26 -17.45
N ARG A 266 1.50 -8.23 -18.21
CA ARG A 266 1.11 -6.98 -18.91
C ARG A 266 0.56 -5.94 -17.98
N VAL A 267 -0.38 -6.32 -17.13
CA VAL A 267 -1.12 -5.31 -16.34
C VAL A 267 -1.54 -5.75 -14.93
N LEU A 268 -1.30 -4.86 -13.98
CA LEU A 268 -1.78 -5.02 -12.63
C LEU A 268 -3.33 -5.09 -12.59
N TYR A 269 -3.88 -6.15 -12.00
CA TYR A 269 -5.32 -6.19 -11.70
C TYR A 269 -5.72 -5.13 -10.65
N PRO A 270 -6.59 -4.19 -11.06
CA PRO A 270 -6.97 -3.03 -10.23
C PRO A 270 -8.05 -3.30 -9.17
N ASN A 271 -8.24 -4.55 -8.81
CA ASN A 271 -9.11 -4.92 -7.72
C ASN A 271 -8.41 -4.78 -6.40
N ASP A 272 -8.82 -3.77 -5.65
CA ASP A 272 -8.36 -3.53 -4.29
C ASP A 272 -9.36 -4.34 -3.45
N ASN A 273 -8.90 -5.15 -2.51
CA ASN A 273 -9.84 -5.86 -1.59
C ASN A 273 -11.17 -6.36 -2.25
N PHE A 274 -11.06 -6.93 -3.46
CA PHE A 274 -12.14 -7.73 -4.04
C PHE A 274 -11.62 -8.90 -4.90
N PHE A 275 -12.20 -10.10 -4.73
CA PHE A 275 -11.73 -11.31 -5.44
C PHE A 275 -12.54 -11.62 -6.69
N GLU A 276 -11.84 -11.74 -7.82
CA GLU A 276 -12.46 -11.82 -9.14
C GLU A 276 -12.35 -13.21 -9.83
N GLY A 277 -11.36 -14.01 -9.47
CA GLY A 277 -11.29 -15.39 -9.98
C GLY A 277 -10.85 -15.55 -11.44
N LYS A 278 -10.15 -14.54 -11.97
CA LYS A 278 -9.61 -14.59 -13.31
C LYS A 278 -8.39 -15.52 -13.40
N GLU A 279 -8.45 -16.48 -14.31
CA GLU A 279 -7.34 -17.34 -14.65
C GLU A 279 -6.04 -16.58 -14.91
N LEU A 280 -6.12 -15.46 -15.64
CA LEU A 280 -4.91 -14.68 -15.93
C LEU A 280 -4.21 -14.24 -14.64
N ARG A 281 -5.02 -13.87 -13.63
CA ARG A 281 -4.56 -13.61 -12.27
C ARG A 281 -3.90 -14.82 -11.65
N LEU A 282 -4.56 -15.97 -11.69
CA LEU A 282 -3.93 -17.18 -11.16
C LEU A 282 -2.56 -17.40 -11.86
N LYS A 283 -2.50 -17.22 -13.17
CA LYS A 283 -1.22 -17.35 -13.88
C LYS A 283 -0.13 -16.40 -13.37
N GLN A 284 -0.51 -15.16 -13.12
CA GLN A 284 0.35 -14.15 -12.53
C GLN A 284 0.90 -14.58 -11.17
N GLU A 285 0.04 -15.21 -10.37
CA GLU A 285 0.42 -15.65 -9.03
C GLU A 285 1.40 -16.84 -9.09
N TYR A 286 1.11 -17.80 -9.95
CA TYR A 286 2.01 -18.93 -10.11
C TYR A 286 3.33 -18.53 -10.73
N PHE A 287 3.26 -17.68 -11.75
CA PHE A 287 4.44 -17.11 -12.42
C PHE A 287 5.46 -16.60 -11.42
N VAL A 288 5.01 -15.73 -10.54
CA VAL A 288 5.89 -15.08 -9.53
C VAL A 288 6.39 -16.10 -8.50
N VAL A 289 5.50 -16.98 -8.09
CA VAL A 289 5.87 -17.99 -7.13
C VAL A 289 6.92 -18.93 -7.70
N ALA A 290 6.71 -19.46 -8.91
CA ALA A 290 7.59 -20.53 -9.42
C ALA A 290 8.99 -20.02 -9.73
N ALA A 291 9.05 -18.83 -10.34
CA ALA A 291 10.34 -18.25 -10.76
C ALA A 291 11.16 -17.91 -9.52
N THR A 292 10.51 -17.23 -8.58
CA THR A 292 11.09 -16.87 -7.28
C THR A 292 11.68 -18.06 -6.50
N LEU A 293 10.92 -19.15 -6.41
CA LEU A 293 11.38 -20.35 -5.68
C LEU A 293 12.55 -21.07 -6.35
N GLN A 294 12.66 -20.94 -7.68
CA GLN A 294 13.77 -21.53 -8.38
C GLN A 294 15.06 -20.80 -7.98
N ASP A 295 14.95 -19.47 -7.95
CA ASP A 295 15.96 -18.55 -7.44
C ASP A 295 16.36 -18.83 -6.02
N ILE A 296 15.36 -19.04 -5.16
CA ILE A 296 15.64 -19.30 -3.75
C ILE A 296 16.45 -20.63 -3.56
N ILE A 297 15.99 -21.69 -4.24
CA ILE A 297 16.65 -22.96 -4.17
C ILE A 297 18.07 -22.92 -4.74
N ARG A 298 18.22 -22.37 -5.93
CA ARG A 298 19.53 -22.33 -6.52
C ARG A 298 20.50 -21.61 -5.57
N ARG A 299 20.05 -20.46 -5.07
CA ARG A 299 20.85 -19.61 -4.23
C ARG A 299 21.12 -20.29 -2.93
N PHE A 300 20.17 -21.08 -2.44
CA PHE A 300 20.41 -21.95 -1.29
C PHE A 300 21.52 -22.98 -1.57
N LYS A 301 21.54 -23.53 -2.77
CA LYS A 301 22.45 -24.62 -3.10
C LYS A 301 23.88 -24.11 -3.27
N SER A 302 24.00 -22.84 -3.67
CA SER A 302 25.26 -22.12 -3.76
C SER A 302 25.81 -21.75 -2.39
N ASN A 314 21.08 -31.34 0.87
CA ASN A 314 20.20 -31.62 2.01
C ASN A 314 19.45 -30.36 2.44
N PHE A 315 18.22 -30.55 2.92
CA PHE A 315 17.30 -29.44 3.11
C PHE A 315 16.87 -29.16 4.53
N ASP A 316 17.43 -29.89 5.50
CA ASP A 316 17.25 -29.58 6.95
C ASP A 316 17.65 -28.16 7.32
N ALA A 317 18.75 -27.66 6.77
CA ALA A 317 19.18 -26.30 7.03
C ALA A 317 18.33 -25.24 6.29
N PHE A 318 17.41 -25.68 5.43
CA PHE A 318 16.74 -24.76 4.48
C PHE A 318 16.02 -23.64 5.23
N PRO A 319 15.22 -23.98 6.26
CA PRO A 319 14.57 -22.95 7.06
C PRO A 319 15.53 -22.13 7.93
N ASP A 320 16.77 -22.58 8.14
CA ASP A 320 17.74 -21.76 8.85
C ASP A 320 18.37 -20.78 7.89
N LYS A 321 18.24 -21.03 6.59
CA LYS A 321 18.76 -20.10 5.59
C LYS A 321 17.67 -19.37 4.80
N VAL A 322 16.43 -19.79 4.93
CA VAL A 322 15.35 -19.22 4.09
C VAL A 322 14.09 -18.93 4.91
N ALA A 323 13.67 -17.68 4.83
CA ALA A 323 12.31 -17.27 5.14
C ALA A 323 11.57 -16.81 3.87
N ILE A 324 10.35 -17.31 3.67
CA ILE A 324 9.41 -16.80 2.66
C ILE A 324 8.23 -16.13 3.34
N GLN A 325 8.13 -14.81 3.19
CA GLN A 325 6.95 -14.06 3.67
C GLN A 325 5.94 -13.86 2.54
N LEU A 326 4.69 -14.26 2.82
CA LEU A 326 3.58 -14.24 1.88
C LEU A 326 2.75 -13.02 2.22
N ASN A 327 2.78 -12.04 1.32
CA ASN A 327 1.98 -10.82 1.45
C ASN A 327 0.58 -11.14 0.94
N ASP A 328 -0.28 -11.53 1.89
CA ASP A 328 -1.61 -12.05 1.60
C ASP A 328 -1.54 -13.45 0.97
N THR A 329 -2.69 -13.95 0.51
CA THR A 329 -2.74 -15.24 -0.11
C THR A 329 -2.28 -15.21 -1.55
N HIS A 330 -1.88 -14.05 -2.05
CA HIS A 330 -1.61 -13.93 -3.50
C HIS A 330 -0.42 -14.87 -3.97
N PRO A 331 0.62 -15.00 -3.16
CA PRO A 331 1.66 -15.95 -3.53
C PRO A 331 1.55 -17.22 -2.69
N SER A 332 0.36 -17.54 -2.21
CA SER A 332 0.09 -18.77 -1.42
C SER A 332 0.51 -20.06 -2.13
N LEU A 333 0.54 -20.08 -3.47
CA LEU A 333 1.01 -21.27 -4.21
C LEU A 333 2.47 -21.64 -3.96
N ALA A 334 3.19 -20.72 -3.34
CA ALA A 334 4.56 -20.98 -2.87
C ALA A 334 4.60 -22.22 -1.98
N ILE A 335 3.52 -22.48 -1.28
CA ILE A 335 3.46 -23.60 -0.35
C ILE A 335 3.43 -24.92 -1.12
N PRO A 336 2.42 -25.15 -1.99
CA PRO A 336 2.50 -26.35 -2.82
C PRO A 336 3.67 -26.42 -3.81
N GLU A 337 4.06 -25.26 -4.37
CA GLU A 337 5.28 -25.18 -5.20
C GLU A 337 6.55 -25.65 -4.49
N LEU A 338 6.79 -25.20 -3.27
CA LEU A 338 7.99 -25.64 -2.55
C LEU A 338 7.96 -27.15 -2.29
N MET A 339 6.83 -27.62 -1.78
CA MET A 339 6.57 -29.05 -1.66
C MET A 339 6.80 -29.80 -2.97
N ARG A 340 6.32 -29.28 -4.08
CA ARG A 340 6.48 -29.93 -5.37
C ARG A 340 7.94 -30.12 -5.69
N VAL A 341 8.66 -29.04 -5.54
CA VAL A 341 10.07 -29.03 -5.81
C VAL A 341 10.84 -29.97 -4.87
N LEU A 342 10.64 -29.82 -3.58
CA LEU A 342 11.30 -30.67 -2.60
C LEU A 342 11.00 -32.17 -2.84
N VAL A 343 9.73 -32.50 -3.05
CA VAL A 343 9.30 -33.90 -3.23
C VAL A 343 9.56 -34.48 -4.64
N ASP A 344 9.12 -33.79 -5.69
CA ASP A 344 9.19 -34.35 -7.05
C ASP A 344 10.59 -34.28 -7.67
N LEU A 345 11.30 -33.17 -7.43
CA LEU A 345 12.58 -32.90 -8.05
C LEU A 345 13.74 -33.22 -7.13
N GLU A 346 13.59 -32.92 -5.84
CA GLU A 346 14.68 -33.16 -4.88
C GLU A 346 14.52 -34.51 -4.20
N ARG A 347 13.34 -35.11 -4.34
CA ARG A 347 13.01 -36.48 -3.87
C ARG A 347 13.14 -36.64 -2.36
N LEU A 348 12.83 -35.59 -1.62
CA LEU A 348 12.62 -35.69 -0.19
C LEU A 348 11.32 -36.44 0.07
N ASP A 349 11.26 -37.15 1.20
CA ASP A 349 9.98 -37.72 1.68
C ASP A 349 9.04 -36.55 1.99
N TRP A 350 7.75 -36.82 1.85
CA TRP A 350 6.68 -35.86 2.07
C TRP A 350 6.78 -35.15 3.42
N ASP A 351 6.77 -35.91 4.50
CA ASP A 351 6.92 -35.40 5.88
C ASP A 351 8.17 -34.48 6.12
N LYS A 352 9.33 -34.96 5.69
CA LYS A 352 10.51 -34.13 5.66
C LYS A 352 10.23 -32.82 4.92
N ALA A 353 9.69 -32.92 3.71
CA ALA A 353 9.46 -31.74 2.92
C ALA A 353 8.48 -30.80 3.61
N TRP A 354 7.50 -31.35 4.33
CA TRP A 354 6.42 -30.54 4.87
C TRP A 354 6.91 -29.77 6.09
N GLU A 355 7.70 -30.45 6.92
CA GLU A 355 8.43 -29.77 8.02
C GLU A 355 9.24 -28.59 7.49
N VAL A 356 10.04 -28.83 6.46
CA VAL A 356 10.81 -27.75 5.83
C VAL A 356 9.90 -26.56 5.40
N THR A 357 8.83 -26.88 4.68
CA THR A 357 7.94 -25.89 4.10
C THR A 357 7.32 -24.99 5.15
N VAL A 358 6.76 -25.60 6.18
CA VAL A 358 6.04 -24.85 7.21
C VAL A 358 6.99 -23.90 7.94
N LYS A 359 8.19 -24.38 8.25
CA LYS A 359 9.20 -23.57 8.93
C LYS A 359 9.80 -22.45 8.08
N THR A 360 9.72 -22.61 6.76
CA THR A 360 10.09 -21.58 5.78
C THR A 360 9.03 -20.45 5.63
N CYS A 361 7.77 -20.86 5.56
CA CYS A 361 6.69 -19.97 5.18
C CYS A 361 5.96 -19.33 6.34
N ALA A 362 5.66 -18.06 6.18
CA ALA A 362 4.76 -17.34 7.05
C ALA A 362 3.81 -16.42 6.18
N TYR A 363 2.64 -16.11 6.74
CA TYR A 363 1.51 -15.57 5.98
C TYR A 363 0.96 -14.32 6.67
N THR A 364 0.87 -13.23 5.93
CA THR A 364 0.28 -12.00 6.41
C THR A 364 -1.12 -11.82 5.80
N ASN A 365 -2.10 -11.73 6.71
CA ASN A 365 -3.50 -11.48 6.37
C ASN A 365 -3.79 -9.98 6.42
N HIS A 366 -4.42 -9.43 5.39
CA HIS A 366 -4.71 -7.99 5.28
C HIS A 366 -6.19 -7.53 5.36
N THR A 367 -7.15 -8.43 5.44
CA THR A 367 -8.56 -8.01 5.49
C THR A 367 -9.48 -9.12 5.87
N VAL A 368 -10.60 -8.75 6.52
CA VAL A 368 -11.60 -9.72 6.97
C VAL A 368 -12.81 -9.74 6.05
N LEU A 369 -12.85 -8.88 5.05
CA LEU A 369 -14.00 -8.84 4.18
C LEU A 369 -14.11 -10.10 3.31
N PRO A 370 -15.22 -10.87 3.46
CA PRO A 370 -15.31 -12.18 2.79
C PRO A 370 -15.05 -12.19 1.29
N GLU A 371 -15.44 -11.13 0.61
CA GLU A 371 -15.38 -11.11 -0.86
C GLU A 371 -13.96 -10.86 -1.44
N ALA A 372 -12.99 -10.55 -0.56
CA ALA A 372 -11.57 -10.41 -0.96
C ALA A 372 -10.77 -11.75 -0.76
N LEU A 373 -11.37 -12.72 -0.08
CA LEU A 373 -10.81 -14.06 0.10
C LEU A 373 -10.66 -14.80 -1.24
N GLU A 374 -9.48 -15.39 -1.47
CA GLU A 374 -9.17 -16.10 -2.72
C GLU A 374 -9.62 -17.52 -2.52
N ARG A 375 -10.63 -17.90 -3.30
CA ARG A 375 -11.12 -19.25 -3.31
C ARG A 375 -11.23 -19.68 -4.75
N TRP A 376 -10.20 -20.34 -5.22
CA TRP A 376 -10.06 -20.70 -6.61
C TRP A 376 -10.83 -21.97 -6.92
N PRO A 377 -11.61 -21.98 -8.03
CA PRO A 377 -12.26 -23.22 -8.51
C PRO A 377 -11.25 -24.35 -8.75
N VAL A 378 -11.57 -25.50 -8.15
CA VAL A 378 -10.84 -26.74 -8.30
C VAL A 378 -10.63 -27.12 -9.79
N HIS A 379 -11.64 -26.93 -10.65
CA HIS A 379 -11.46 -27.25 -12.08
C HIS A 379 -10.33 -26.41 -12.68
N LEU A 380 -10.26 -25.15 -12.28
CA LEU A 380 -9.23 -24.22 -12.77
C LEU A 380 -7.81 -24.69 -12.40
N LEU A 381 -7.61 -25.00 -11.11
CA LEU A 381 -6.35 -25.50 -10.58
C LEU A 381 -5.99 -26.82 -11.22
N GLU A 382 -7.01 -27.63 -11.43
CA GLU A 382 -6.81 -28.94 -12.03
C GLU A 382 -6.26 -28.78 -13.44
N THR A 383 -6.76 -27.77 -14.13
CA THR A 383 -6.39 -27.59 -15.51
C THR A 383 -5.02 -26.91 -15.60
N LEU A 384 -4.89 -25.74 -15.00
CA LEU A 384 -3.65 -24.96 -15.07
C LEU A 384 -2.49 -25.58 -14.29
N LEU A 385 -2.77 -26.18 -13.14
CA LEU A 385 -1.73 -26.60 -12.18
C LEU A 385 -2.04 -27.95 -11.54
N PRO A 386 -2.12 -29.01 -12.37
CA PRO A 386 -2.58 -30.30 -11.90
C PRO A 386 -1.83 -30.85 -10.72
N ARG A 387 -0.52 -30.72 -10.74
CA ARG A 387 0.27 -31.34 -9.69
C ARG A 387 0.08 -30.56 -8.39
N HIS A 388 -0.19 -29.26 -8.50
CA HIS A 388 -0.42 -28.44 -7.33
C HIS A 388 -1.70 -28.84 -6.62
N LEU A 389 -2.75 -29.16 -7.40
CA LEU A 389 -4.04 -29.58 -6.82
C LEU A 389 -3.85 -30.87 -6.04
N GLN A 390 -3.16 -31.83 -6.66
CA GLN A 390 -2.90 -33.12 -6.02
C GLN A 390 -2.28 -32.85 -4.66
N ILE A 391 -1.24 -32.02 -4.68
CA ILE A 391 -0.45 -31.72 -3.49
C ILE A 391 -1.31 -31.04 -2.44
N ILE A 392 -2.20 -30.17 -2.89
CA ILE A 392 -3.12 -29.44 -2.03
C ILE A 392 -4.14 -30.37 -1.37
N TYR A 393 -4.69 -31.33 -2.14
CA TYR A 393 -5.51 -32.41 -1.55
C TYR A 393 -4.74 -33.22 -0.51
N GLU A 394 -3.48 -33.55 -0.79
CA GLU A 394 -2.70 -34.32 0.15
C GLU A 394 -2.44 -33.49 1.40
N ILE A 395 -2.09 -32.22 1.22
CA ILE A 395 -1.98 -31.30 2.36
C ILE A 395 -3.28 -31.28 3.19
N ASN A 396 -4.42 -31.11 2.53
CA ASN A 396 -5.69 -31.10 3.23
C ASN A 396 -5.93 -32.35 4.09
N GLN A 397 -5.74 -33.53 3.47
CA GLN A 397 -5.98 -34.81 4.13
C GLN A 397 -5.18 -34.91 5.42
N ARG A 398 -3.88 -34.68 5.32
CA ARG A 398 -3.00 -34.82 6.47
C ARG A 398 -3.31 -33.75 7.53
N PHE A 399 -3.64 -32.54 7.07
CA PHE A 399 -3.99 -31.46 7.98
C PHE A 399 -5.30 -31.72 8.73
N LEU A 400 -6.30 -32.25 8.04
CA LEU A 400 -7.60 -32.57 8.67
C LEU A 400 -7.51 -33.82 9.54
N ASN A 401 -6.60 -34.72 9.16
CA ASN A 401 -6.15 -35.80 10.05
C ASN A 401 -5.64 -35.25 11.37
N ARG A 402 -4.89 -34.16 11.36
CA ARG A 402 -4.44 -33.53 12.61
C ARG A 402 -5.56 -32.89 13.48
N VAL A 403 -6.43 -32.15 12.82
CA VAL A 403 -7.68 -31.63 13.41
C VAL A 403 -8.49 -32.77 14.08
N ALA A 404 -8.72 -33.84 13.33
CA ALA A 404 -9.54 -34.95 13.83
C ALA A 404 -8.95 -35.54 15.13
N ALA A 405 -7.62 -35.71 15.17
CA ALA A 405 -6.91 -36.26 16.32
C ALA A 405 -6.98 -35.34 17.53
N ALA A 406 -6.78 -34.04 17.29
CA ALA A 406 -6.84 -33.03 18.35
C ALA A 406 -8.27 -32.76 18.82
N PHE A 407 -9.26 -32.91 17.93
CA PHE A 407 -10.68 -32.68 18.26
C PHE A 407 -11.56 -33.82 17.83
N PRO A 408 -11.41 -34.99 18.48
CA PRO A 408 -12.12 -36.20 17.99
C PRO A 408 -13.65 -36.03 17.88
N GLY A 409 -14.21 -36.42 16.75
CA GLY A 409 -15.66 -36.37 16.59
C GLY A 409 -16.23 -35.00 16.26
N ASP A 410 -15.39 -33.95 16.22
CA ASP A 410 -15.87 -32.63 15.84
C ASP A 410 -15.93 -32.52 14.33
N VAL A 411 -17.03 -32.97 13.75
CA VAL A 411 -17.20 -33.04 12.29
C VAL A 411 -17.29 -31.65 11.63
N ASP A 412 -18.05 -30.71 12.25
CA ASP A 412 -18.25 -29.41 11.61
C ASP A 412 -16.98 -28.58 11.57
N ARG A 413 -16.14 -28.75 12.60
CA ARG A 413 -14.82 -28.14 12.63
C ARG A 413 -14.04 -28.61 11.42
N LEU A 414 -14.10 -29.91 11.15
CA LEU A 414 -13.57 -30.48 9.91
C LEU A 414 -13.99 -29.74 8.64
N ARG A 415 -15.29 -29.59 8.37
CA ARG A 415 -15.68 -28.91 7.12
C ARG A 415 -15.36 -27.44 7.19
N ARG A 416 -15.32 -26.83 8.38
CA ARG A 416 -15.00 -25.41 8.47
C ARG A 416 -13.50 -25.14 8.18
N MET A 417 -12.63 -25.99 8.75
CA MET A 417 -11.18 -25.88 8.62
C MET A 417 -10.63 -26.35 7.28
N SER A 418 -11.41 -27.13 6.56
CA SER A 418 -10.99 -27.74 5.30
C SER A 418 -10.44 -26.75 4.27
N LEU A 419 -9.32 -27.11 3.64
CA LEU A 419 -8.76 -26.32 2.55
C LEU A 419 -9.75 -26.35 1.40
N VAL A 420 -10.54 -27.43 1.33
CA VAL A 420 -11.55 -27.63 0.29
C VAL A 420 -12.97 -27.15 0.71
N GLU A 421 -13.51 -26.26 -0.11
CA GLU A 421 -14.85 -25.71 0.05
C GLU A 421 -15.86 -26.37 -0.91
N GLU A 422 -16.93 -26.93 -0.34
CA GLU A 422 -17.99 -27.58 -1.11
C GLU A 422 -19.06 -26.58 -1.59
N GLY A 423 -19.70 -26.94 -2.69
CA GLY A 423 -20.69 -26.06 -3.26
C GLY A 423 -20.94 -26.45 -4.68
N ALA A 424 -21.89 -25.76 -5.33
CA ALA A 424 -22.13 -25.93 -6.77
C ALA A 424 -20.79 -26.06 -7.52
N VAL A 425 -19.85 -25.19 -7.16
CA VAL A 425 -18.43 -25.36 -7.57
C VAL A 425 -17.52 -25.48 -6.34
N LYS A 426 -16.81 -26.60 -6.25
CA LYS A 426 -15.70 -26.81 -5.28
C LYS A 426 -14.54 -25.86 -5.50
N ARG A 427 -14.10 -25.22 -4.42
CA ARG A 427 -12.95 -24.33 -4.44
C ARG A 427 -11.95 -24.61 -3.32
N ILE A 428 -10.76 -24.05 -3.52
CA ILE A 428 -9.69 -24.11 -2.52
C ILE A 428 -9.64 -22.75 -1.85
N ASN A 429 -9.79 -22.77 -0.53
CA ASN A 429 -9.59 -21.64 0.34
C ASN A 429 -8.07 -21.49 0.50
N MET A 430 -7.57 -20.38 -0.06
CA MET A 430 -6.12 -20.08 -0.10
C MET A 430 -5.58 -19.56 1.24
N ALA A 431 -6.41 -18.86 2.01
CA ALA A 431 -6.11 -18.53 3.39
C ALA A 431 -5.92 -19.75 4.27
N HIS A 432 -6.79 -20.75 4.12
CA HIS A 432 -6.66 -21.99 4.86
C HIS A 432 -5.35 -22.70 4.48
N LEU A 433 -5.05 -22.77 3.19
CA LEU A 433 -3.80 -23.31 2.72
C LEU A 433 -2.60 -22.58 3.39
N CYS A 434 -2.67 -21.26 3.46
CA CYS A 434 -1.58 -20.47 4.03
C CYS A 434 -1.35 -20.80 5.52
N ILE A 435 -2.42 -20.94 6.28
CA ILE A 435 -2.31 -21.17 7.73
C ILE A 435 -1.75 -22.55 7.93
N ALA A 436 -2.30 -23.51 7.21
CA ALA A 436 -1.79 -24.87 7.26
C ALA A 436 -0.29 -24.96 6.92
N GLY A 437 0.19 -24.24 5.90
CA GLY A 437 1.59 -24.37 5.41
C GLY A 437 2.61 -23.36 5.88
N SER A 438 2.25 -22.62 6.94
CA SER A 438 3.03 -21.54 7.52
C SER A 438 3.20 -21.69 9.01
N HIS A 439 4.36 -21.30 9.54
CA HIS A 439 4.65 -21.40 10.98
C HIS A 439 4.14 -20.16 11.71
N ALA A 440 3.84 -19.11 10.96
CA ALA A 440 3.26 -17.91 11.55
C ALA A 440 2.23 -17.32 10.62
N VAL A 441 1.23 -16.74 11.26
CA VAL A 441 0.13 -16.06 10.64
C VAL A 441 -0.05 -14.76 11.40
N ASN A 442 0.00 -13.63 10.71
CA ASN A 442 -0.20 -12.35 11.38
C ASN A 442 -1.28 -11.51 10.70
N GLY A 443 -2.00 -10.76 11.56
CA GLY A 443 -2.75 -9.57 11.17
C GLY A 443 -1.88 -8.32 11.20
N VAL A 444 -2.47 -7.21 10.80
CA VAL A 444 -1.68 -6.02 10.47
C VAL A 444 -1.93 -4.85 11.42
N ALA A 445 -2.67 -5.12 12.49
CA ALA A 445 -2.82 -4.24 13.66
C ALA A 445 -3.52 -5.08 14.74
N ARG A 446 -3.44 -4.56 15.97
CA ARG A 446 -3.78 -5.34 17.16
C ARG A 446 -5.23 -5.85 17.12
N ILE A 447 -6.13 -4.95 16.83
CA ILE A 447 -7.56 -5.27 16.79
C ILE A 447 -7.87 -6.35 15.74
N HIS A 448 -7.20 -6.24 14.59
CA HIS A 448 -7.38 -7.17 13.49
C HIS A 448 -6.78 -8.51 13.86
N SER A 449 -5.59 -8.48 14.44
CA SER A 449 -4.90 -9.70 14.82
C SER A 449 -5.68 -10.52 15.88
N GLU A 450 -6.37 -9.82 16.75
CA GLU A 450 -7.15 -10.46 17.76
C GLU A 450 -8.41 -11.07 17.16
N ILE A 451 -9.05 -10.36 16.25
CA ILE A 451 -10.29 -10.88 15.64
C ILE A 451 -10.02 -12.17 14.83
N LEU A 452 -8.83 -12.27 14.25
CA LEU A 452 -8.40 -13.49 13.56
C LEU A 452 -8.44 -14.70 14.49
N LYS A 453 -7.92 -14.50 15.70
CA LYS A 453 -7.91 -15.51 16.75
C LYS A 453 -9.30 -15.81 17.34
N LYS A 454 -10.07 -14.76 17.59
CA LYS A 454 -11.35 -14.84 18.26
C LYS A 454 -12.40 -15.45 17.36
N THR A 455 -12.50 -14.95 16.13
CA THR A 455 -13.56 -15.39 15.25
C THR A 455 -13.09 -16.06 13.99
N ILE A 456 -12.51 -15.31 13.07
CA ILE A 456 -12.50 -15.75 11.68
C ILE A 456 -11.54 -16.91 11.41
N PHE A 457 -10.42 -16.98 12.12
CA PHE A 457 -9.60 -18.22 12.18
C PHE A 457 -9.55 -18.82 13.61
N LYS A 458 -10.68 -18.76 14.32
CA LYS A 458 -10.79 -19.25 15.71
C LYS A 458 -10.38 -20.73 15.82
N ASP A 459 -10.83 -21.52 14.86
CA ASP A 459 -10.57 -22.93 14.82
C ASP A 459 -9.09 -23.22 14.64
N PHE A 460 -8.43 -22.45 13.79
CA PHE A 460 -7.01 -22.63 13.55
C PHE A 460 -6.16 -22.16 14.75
N TYR A 461 -6.64 -21.12 15.41
CA TYR A 461 -6.00 -20.58 16.57
C TYR A 461 -6.09 -21.62 17.68
N GLU A 462 -7.20 -22.35 17.72
CA GLU A 462 -7.42 -23.39 18.71
C GLU A 462 -6.54 -24.64 18.47
N LEU A 463 -6.36 -25.02 17.20
CA LEU A 463 -5.39 -26.09 16.85
C LEU A 463 -3.98 -25.68 17.16
N GLU A 464 -3.57 -24.50 16.69
CA GLU A 464 -2.18 -24.08 16.84
C GLU A 464 -2.11 -22.60 17.29
N PRO A 465 -2.32 -22.34 18.58
CA PRO A 465 -2.29 -20.93 19.03
C PRO A 465 -0.96 -20.21 18.75
N HIS A 466 0.12 -20.98 18.80
CA HIS A 466 1.46 -20.45 18.74
C HIS A 466 1.75 -19.86 17.36
N LYS A 467 1.00 -20.27 16.33
CA LYS A 467 1.11 -19.67 14.98
C LYS A 467 0.67 -18.22 14.87
N PHE A 468 -0.25 -17.79 15.72
CA PHE A 468 -0.95 -16.53 15.53
C PHE A 468 -0.23 -15.37 16.21
N GLN A 469 0.02 -14.33 15.42
CA GLN A 469 0.70 -13.14 15.91
C GLN A 469 0.02 -11.86 15.39
N ASN A 470 0.52 -10.75 15.92
CA ASN A 470 0.28 -9.41 15.44
C ASN A 470 1.60 -8.79 14.98
N LYS A 471 1.54 -8.08 13.85
CA LYS A 471 2.59 -7.16 13.44
C LYS A 471 1.91 -5.91 12.95
N THR A 472 1.73 -4.92 13.82
CA THR A 472 1.04 -3.70 13.44
C THR A 472 1.83 -2.98 12.33
N ASN A 473 1.09 -2.54 11.32
CA ASN A 473 1.69 -1.90 10.15
C ASN A 473 2.52 -0.63 10.49
N GLY A 474 3.29 -0.19 9.51
CA GLY A 474 4.02 1.03 9.60
C GLY A 474 4.35 1.58 8.23
N ILE A 475 4.87 2.81 8.27
CA ILE A 475 5.27 3.56 7.10
C ILE A 475 6.71 3.98 7.31
N THR A 476 7.48 4.16 6.23
CA THR A 476 8.85 4.60 6.35
C THR A 476 8.92 6.11 6.55
N PRO A 477 9.65 6.53 7.59
CA PRO A 477 9.82 7.96 7.88
C PRO A 477 10.80 8.65 6.93
N ARG A 478 11.41 7.87 6.05
CA ARG A 478 12.16 8.46 4.98
C ARG A 478 11.20 9.04 3.96
N ARG A 479 10.64 8.19 3.11
CA ARG A 479 9.60 8.63 2.19
C ARG A 479 8.59 9.56 2.81
N TRP A 480 8.00 9.11 3.92
CA TRP A 480 6.82 9.73 4.47
C TRP A 480 7.11 10.88 5.43
N LEU A 481 8.35 11.33 5.54
CA LEU A 481 8.65 12.57 6.30
C LEU A 481 9.76 13.39 5.63
N VAL A 482 10.98 12.85 5.64
CA VAL A 482 12.16 13.57 5.13
C VAL A 482 11.97 13.92 3.68
N LEU A 483 11.49 12.95 2.92
CA LEU A 483 11.33 13.09 1.50
C LEU A 483 10.27 14.14 1.24
N CYS A 484 9.08 13.87 1.74
CA CYS A 484 7.92 14.61 1.35
C CYS A 484 7.71 15.89 2.16
N ASN A 485 8.24 15.93 3.38
CA ASN A 485 8.01 17.08 4.28
C ASN A 485 9.36 17.53 4.92
N PRO A 486 10.27 17.98 4.07
CA PRO A 486 11.60 18.38 4.52
C PRO A 486 11.56 19.53 5.53
N GLY A 487 10.55 20.39 5.41
CA GLY A 487 10.33 21.49 6.35
C GLY A 487 10.03 21.04 7.80
N LEU A 488 9.17 20.04 7.92
CA LEU A 488 8.89 19.41 9.20
C LEU A 488 10.09 18.64 9.72
N ALA A 489 10.69 17.86 8.83
CA ALA A 489 11.91 17.12 9.19
C ALA A 489 12.98 18.08 9.72
N GLU A 490 13.11 19.27 9.12
CA GLU A 490 14.18 20.19 9.52
C GLU A 490 13.93 20.80 10.88
N ILE A 491 12.70 21.25 11.16
CA ILE A 491 12.43 21.86 12.49
C ILE A 491 12.49 20.83 13.62
N ILE A 492 12.18 19.56 13.30
CA ILE A 492 12.41 18.50 14.28
C ILE A 492 13.91 18.33 14.52
N ALA A 493 14.69 18.29 13.44
CA ALA A 493 16.15 18.09 13.52
C ALA A 493 16.85 19.20 14.30
N GLU A 494 16.37 20.43 14.13
CA GLU A 494 16.89 21.58 14.85
C GLU A 494 16.84 21.39 16.37
N ARG A 495 15.84 20.64 16.85
CA ARG A 495 15.67 20.41 18.29
C ARG A 495 16.38 19.18 18.78
N ILE A 496 16.28 18.10 18.02
CA ILE A 496 16.66 16.80 18.52
C ILE A 496 17.64 16.02 17.64
N GLY A 497 18.22 16.66 16.62
CA GLY A 497 19.21 15.97 15.81
C GLY A 497 18.52 15.03 14.81
N GLU A 498 19.31 14.25 14.09
CA GLU A 498 18.86 13.48 12.96
C GLU A 498 18.66 11.97 13.24
N GLU A 499 19.02 11.51 14.45
CA GLU A 499 18.89 10.08 14.80
C GLU A 499 17.46 9.54 14.66
N TYR A 500 16.47 10.40 14.83
CA TYR A 500 15.09 9.96 14.78
C TYR A 500 14.75 9.42 13.41
N ILE A 501 15.49 9.83 12.38
CA ILE A 501 15.16 9.42 11.00
C ILE A 501 15.16 7.88 10.84
N SER A 502 16.00 7.19 11.60
CA SER A 502 15.98 5.75 11.61
C SER A 502 15.76 5.26 13.06
N ASP A 503 15.12 6.09 13.88
CA ASP A 503 14.84 5.73 15.25
C ASP A 503 13.67 6.59 15.74
N LEU A 504 12.49 6.30 15.17
CA LEU A 504 11.36 7.23 15.16
C LEU A 504 10.67 7.44 16.51
N ASP A 505 10.86 6.51 17.44
CA ASP A 505 10.43 6.69 18.83
C ASP A 505 11.07 7.92 19.48
N GLN A 506 12.22 8.39 19.00
CA GLN A 506 12.84 9.62 19.54
C GLN A 506 11.95 10.87 19.35
N LEU A 507 10.95 10.80 18.46
CA LEU A 507 9.96 11.88 18.28
C LEU A 507 9.20 12.24 19.57
N ARG A 508 9.09 11.27 20.48
CA ARG A 508 8.66 11.51 21.86
C ARG A 508 9.33 12.69 22.57
N LYS A 509 10.59 12.92 22.24
CA LYS A 509 11.32 14.04 22.82
C LYS A 509 10.61 15.39 22.53
N LEU A 510 9.73 15.42 21.51
CA LEU A 510 9.04 16.65 21.12
C LEU A 510 7.89 17.01 22.03
N LEU A 511 7.44 16.09 22.86
CA LEU A 511 6.39 16.43 23.82
C LEU A 511 6.88 17.52 24.81
N SER A 512 8.18 17.59 25.02
CA SER A 512 8.75 18.61 25.85
C SER A 512 8.71 20.03 25.21
N TYR A 513 8.26 20.14 23.95
CA TYR A 513 8.22 21.41 23.24
C TYR A 513 6.79 21.94 23.06
N VAL A 514 5.88 21.40 23.85
CA VAL A 514 4.46 21.60 23.67
C VAL A 514 4.07 22.99 24.15
N ASP A 515 4.93 23.58 24.98
CA ASP A 515 4.79 24.97 25.40
C ASP A 515 5.92 25.86 24.89
N ASP A 516 6.58 25.37 23.86
CA ASP A 516 7.70 26.07 23.29
C ASP A 516 7.17 26.91 22.12
N GLU A 517 7.20 28.24 22.29
CA GLU A 517 6.66 29.21 21.34
C GLU A 517 7.36 29.17 19.98
N ALA A 518 8.67 28.90 19.96
CA ALA A 518 9.39 28.79 18.70
C ALA A 518 8.89 27.58 17.94
N PHE A 519 8.81 26.44 18.62
CA PHE A 519 8.34 25.23 17.98
C PHE A 519 6.87 25.30 17.53
N ILE A 520 6.00 25.80 18.39
CA ILE A 520 4.59 26.05 17.99
C ILE A 520 4.54 26.91 16.73
N ARG A 521 5.34 27.97 16.69
CA ARG A 521 5.34 28.88 15.53
C ARG A 521 5.76 28.17 14.25
N ASP A 522 6.83 27.41 14.38
CA ASP A 522 7.46 26.72 13.25
C ASP A 522 6.58 25.61 12.69
N VAL A 523 5.98 24.84 13.58
CA VAL A 523 5.05 23.78 13.18
C VAL A 523 3.91 24.35 12.35
N ALA A 524 3.29 25.42 12.84
CA ALA A 524 2.23 26.07 12.08
C ALA A 524 2.77 26.69 10.78
N LYS A 525 3.93 27.34 10.85
CA LYS A 525 4.58 27.87 9.66
C LYS A 525 4.87 26.82 8.59
N VAL A 526 5.41 25.67 8.99
CA VAL A 526 5.65 24.59 8.05
C VAL A 526 4.38 24.10 7.35
N LYS A 527 3.29 23.97 8.10
CA LYS A 527 2.03 23.47 7.52
C LYS A 527 1.46 24.44 6.48
N GLN A 528 1.62 25.73 6.73
CA GLN A 528 1.07 26.78 5.90
C GLN A 528 1.85 26.84 4.58
N GLU A 529 3.17 26.70 4.68
CA GLU A 529 4.05 26.51 3.52
C GLU A 529 3.62 25.29 2.64
N ASN A 530 3.39 24.15 3.28
CA ASN A 530 2.89 22.96 2.57
C ASN A 530 1.54 23.16 1.91
N LYS A 531 0.67 23.93 2.56
CA LYS A 531 -0.64 24.28 2.00
C LYS A 531 -0.50 25.21 0.79
N LEU A 532 0.33 26.25 0.92
CA LEU A 532 0.67 27.12 -0.23
C LEU A 532 1.25 26.35 -1.39
N LYS A 533 2.14 25.39 -1.12
CA LYS A 533 2.76 24.62 -2.17
C LYS A 533 1.75 23.69 -2.80
N PHE A 534 0.79 23.22 -2.02
CA PHE A 534 -0.18 22.34 -2.63
C PHE A 534 -1.15 23.12 -3.50
N ALA A 535 -1.58 24.27 -3.00
CA ALA A 535 -2.44 25.17 -3.78
C ALA A 535 -1.78 25.49 -5.10
N ALA A 536 -0.48 25.75 -5.05
CA ALA A 536 0.25 26.10 -6.24
C ALA A 536 0.25 24.93 -7.22
N TYR A 537 0.47 23.72 -6.72
CA TYR A 537 0.44 22.52 -7.55
C TYR A 537 -0.91 22.38 -8.27
N LEU A 538 -2.01 22.51 -7.53
CA LEU A 538 -3.35 22.45 -8.13
C LEU A 538 -3.57 23.55 -9.16
N GLU A 539 -3.05 24.76 -8.89
CA GLU A 539 -3.19 25.88 -9.82
C GLU A 539 -2.38 25.62 -11.10
N ARG A 540 -1.12 25.30 -10.92
CA ARG A 540 -0.23 24.91 -12.01
C ARG A 540 -0.86 23.86 -12.91
N GLU A 541 -1.23 22.77 -12.29
CA GLU A 541 -1.38 21.49 -12.96
C GLU A 541 -2.84 21.30 -13.42
N TYR A 542 -3.78 21.97 -12.73
CA TYR A 542 -5.20 21.80 -13.02
C TYR A 542 -6.00 23.08 -13.13
N LYS A 543 -5.32 24.22 -13.00
CA LYS A 543 -5.97 25.53 -12.87
C LYS A 543 -7.14 25.48 -11.89
N VAL A 544 -6.98 24.70 -10.82
CA VAL A 544 -7.97 24.68 -9.75
C VAL A 544 -7.49 25.60 -8.63
N HIS A 545 -8.41 26.46 -8.18
CA HIS A 545 -8.11 27.41 -7.12
C HIS A 545 -8.65 26.99 -5.76
N ILE A 546 -7.78 26.92 -4.76
CA ILE A 546 -8.24 26.64 -3.40
C ILE A 546 -7.88 27.78 -2.44
N ASN A 547 -8.79 27.98 -1.48
CA ASN A 547 -8.73 29.07 -0.50
C ASN A 547 -7.67 28.66 0.49
N PRO A 548 -6.50 29.33 0.47
CA PRO A 548 -5.34 28.94 1.30
C PRO A 548 -5.59 29.06 2.82
N ASN A 549 -6.39 30.03 3.20
CA ASN A 549 -6.87 30.16 4.55
C ASN A 549 -8.12 29.34 4.81
N SER A 550 -8.06 28.05 4.50
CA SER A 550 -9.13 27.17 4.86
C SER A 550 -8.54 25.97 5.54
N LEU A 551 -9.41 25.27 6.27
CA LEU A 551 -9.05 24.02 6.88
C LEU A 551 -9.00 23.07 5.73
N PHE A 552 -7.84 22.47 5.47
CA PHE A 552 -7.73 21.38 4.44
C PHE A 552 -8.12 20.01 5.01
N ASP A 553 -9.29 19.55 4.61
CA ASP A 553 -9.93 18.30 5.11
C ASP A 553 -9.88 17.19 4.02
N VAL A 554 -9.05 16.18 4.24
CA VAL A 554 -8.63 15.32 3.16
C VAL A 554 -8.99 13.87 3.48
N GLN A 555 -9.75 13.24 2.58
CA GLN A 555 -9.93 11.80 2.62
C GLN A 555 -9.32 11.22 1.35
N VAL A 556 -8.14 10.61 1.47
CA VAL A 556 -7.50 9.98 0.32
C VAL A 556 -7.19 8.51 0.59
N LYS A 557 -7.65 7.67 -0.31
CA LYS A 557 -7.56 6.22 -0.20
C LYS A 557 -8.48 5.65 -1.33
N ARG A 558 -8.31 4.36 -1.64
CA ARG A 558 -9.13 3.70 -2.63
C ARG A 558 -10.62 3.88 -2.33
N ILE A 559 -11.43 4.04 -3.37
CA ILE A 559 -12.86 4.30 -3.19
C ILE A 559 -13.63 2.99 -2.93
N HIS A 560 -14.21 2.87 -1.73
CA HIS A 560 -14.94 1.67 -1.30
C HIS A 560 -16.09 2.08 -0.41
N GLU A 561 -17.11 1.26 -0.36
CA GLU A 561 -18.19 1.45 0.59
C GLU A 561 -17.73 1.37 2.07
N TYR A 562 -16.82 0.46 2.36
CA TYR A 562 -16.39 0.29 3.73
C TYR A 562 -15.60 1.49 4.26
N LYS A 563 -14.95 2.23 3.36
CA LYS A 563 -14.13 3.39 3.72
C LYS A 563 -14.98 4.65 3.87
N ARG A 564 -16.22 4.53 3.39
CA ARG A 564 -17.31 5.50 3.59
C ARG A 564 -17.08 6.94 3.17
N GLN A 565 -16.52 7.08 1.98
CA GLN A 565 -16.50 8.37 1.31
C GLN A 565 -17.92 8.97 1.29
N LEU A 566 -18.95 8.10 1.32
CA LEU A 566 -20.37 8.57 1.32
C LEU A 566 -20.76 9.25 2.64
N LEU A 567 -20.21 8.77 3.74
CA LEU A 567 -20.41 9.44 5.02
C LEU A 567 -19.83 10.87 4.94
N ASN A 568 -18.62 10.98 4.39
CA ASN A 568 -17.98 12.27 4.11
C ASN A 568 -18.86 13.14 3.25
N CYS A 569 -19.44 12.57 2.20
CA CYS A 569 -20.38 13.29 1.35
C CYS A 569 -21.60 13.79 2.16
N LEU A 570 -22.17 12.93 3.01
CA LEU A 570 -23.29 13.36 3.84
C LEU A 570 -22.86 14.58 4.66
N HIS A 571 -21.67 14.55 5.21
CA HIS A 571 -21.25 15.67 6.04
C HIS A 571 -21.13 16.98 5.22
N VAL A 572 -20.49 16.86 4.07
CA VAL A 572 -20.25 18.02 3.21
C VAL A 572 -21.57 18.65 2.86
N ILE A 573 -22.55 17.82 2.50
CA ILE A 573 -23.88 18.33 2.17
C ILE A 573 -24.53 18.98 3.41
N THR A 574 -24.32 18.38 4.58
CA THR A 574 -24.77 18.93 5.86
C THR A 574 -24.26 20.35 6.05
N LEU A 575 -22.96 20.57 5.80
CA LEU A 575 -22.37 21.89 5.98
C LEU A 575 -22.95 22.90 5.00
N TYR A 576 -23.20 22.45 3.77
CA TYR A 576 -23.80 23.31 2.75
C TYR A 576 -25.22 23.70 3.13
N ASN A 577 -26.01 22.72 3.57
CA ASN A 577 -27.42 23.00 3.92
C ASN A 577 -27.54 23.88 5.20
N ARG A 578 -26.67 23.63 6.19
CA ARG A 578 -26.55 24.51 7.36
C ARG A 578 -26.14 25.94 7.00
N ILE A 579 -25.22 26.11 6.04
CA ILE A 579 -24.83 27.45 5.61
C ILE A 579 -26.01 28.20 5.00
N LYS A 580 -26.74 27.52 4.11
CA LYS A 580 -27.86 28.12 3.43
C LYS A 580 -29.01 28.47 4.36
N LYS A 581 -29.22 27.67 5.41
CA LYS A 581 -30.23 27.97 6.45
C LYS A 581 -29.92 29.21 7.29
N GLU A 582 -28.66 29.33 7.70
CA GLU A 582 -28.18 30.46 8.45
C GLU A 582 -26.95 31.03 7.76
N PRO A 583 -27.16 31.76 6.63
CA PRO A 583 -26.09 32.41 5.88
C PRO A 583 -25.15 33.31 6.68
N ASN A 584 -25.72 34.00 7.68
CA ASN A 584 -24.97 35.00 8.46
C ASN A 584 -24.08 34.43 9.56
N LYS A 585 -24.22 33.14 9.86
CA LYS A 585 -23.51 32.49 10.96
C LYS A 585 -22.12 32.06 10.51
N PHE A 586 -21.09 32.56 11.18
CA PHE A 586 -19.72 32.22 10.83
C PHE A 586 -19.43 30.72 10.97
N VAL A 587 -18.78 30.16 9.96
CA VAL A 587 -18.26 28.80 9.99
C VAL A 587 -16.81 28.87 9.55
N VAL A 588 -16.00 27.99 10.12
CA VAL A 588 -14.60 27.87 9.72
C VAL A 588 -14.53 27.41 8.25
N PRO A 589 -13.92 28.22 7.38
CA PRO A 589 -13.81 27.78 5.98
C PRO A 589 -13.09 26.45 5.82
N ARG A 590 -13.58 25.64 4.87
CA ARG A 590 -13.00 24.34 4.60
C ARG A 590 -12.82 24.14 3.10
N THR A 591 -11.70 23.54 2.73
CA THR A 591 -11.58 22.92 1.41
C THR A 591 -11.62 21.42 1.66
N VAL A 592 -12.73 20.76 1.34
CA VAL A 592 -12.76 19.31 1.52
C VAL A 592 -12.36 18.57 0.23
N MET A 593 -11.31 17.76 0.38
CA MET A 593 -10.66 17.07 -0.70
C MET A 593 -10.85 15.57 -0.58
N ILE A 594 -11.33 14.95 -1.65
CA ILE A 594 -11.47 13.52 -1.68
C ILE A 594 -10.72 13.03 -2.92
N GLY A 595 -9.97 11.95 -2.79
CA GLY A 595 -9.23 11.40 -3.90
C GLY A 595 -9.13 9.92 -3.71
N GLY A 596 -8.94 9.19 -4.82
CA GLY A 596 -8.77 7.73 -4.77
C GLY A 596 -9.38 7.07 -5.96
N LYS A 597 -8.91 5.89 -6.32
CA LYS A 597 -9.38 5.26 -7.55
C LYS A 597 -10.47 4.27 -7.21
N ALA A 598 -11.42 4.10 -8.13
CA ALA A 598 -12.36 2.98 -8.09
C ALA A 598 -11.95 1.92 -9.11
N ALA A 599 -12.14 0.66 -8.71
CA ALA A 599 -11.91 -0.46 -9.59
C ALA A 599 -12.83 -0.29 -10.82
N PRO A 600 -12.27 -0.44 -12.04
CA PRO A 600 -13.06 -0.28 -13.24
C PRO A 600 -14.45 -0.93 -13.25
N GLY A 601 -14.61 -2.09 -12.61
CA GLY A 601 -15.95 -2.77 -12.56
C GLY A 601 -16.86 -2.55 -11.33
N TYR A 602 -16.37 -1.85 -10.31
CA TYR A 602 -17.16 -1.52 -9.11
C TYR A 602 -17.99 -0.24 -9.43
N HIS A 603 -19.16 -0.47 -10.06
CA HIS A 603 -20.19 0.55 -10.36
C HIS A 603 -20.49 1.54 -9.21
N MET A 604 -20.62 1.02 -7.99
CA MET A 604 -21.07 1.85 -6.88
C MET A 604 -19.98 2.86 -6.51
N ALA A 605 -18.73 2.39 -6.52
CA ALA A 605 -17.59 3.25 -6.24
C ALA A 605 -17.48 4.37 -7.27
N LYS A 606 -17.79 4.03 -8.51
CA LYS A 606 -17.78 4.97 -9.61
C LYS A 606 -18.92 5.98 -9.47
N MET A 607 -20.06 5.53 -8.97
CA MET A 607 -21.19 6.41 -8.68
C MET A 607 -20.85 7.38 -7.57
N ILE A 608 -20.12 6.90 -6.57
CA ILE A 608 -19.66 7.74 -5.45
C ILE A 608 -18.67 8.83 -5.89
N ILE A 609 -17.77 8.52 -6.82
CA ILE A 609 -16.87 9.54 -7.37
C ILE A 609 -17.70 10.62 -8.02
N LYS A 610 -18.65 10.22 -8.87
CA LYS A 610 -19.53 11.17 -9.56
C LYS A 610 -20.32 12.04 -8.58
N LEU A 611 -20.81 11.41 -7.51
CA LEU A 611 -21.55 12.15 -6.47
C LEU A 611 -20.63 13.25 -5.82
N ILE A 612 -19.37 12.92 -5.64
CA ILE A 612 -18.44 13.89 -5.05
C ILE A 612 -18.31 15.12 -5.94
N THR A 613 -18.10 14.87 -7.23
CA THR A 613 -17.97 15.97 -8.19
C THR A 613 -19.29 16.72 -8.33
N ALA A 614 -20.41 16.00 -8.33
CA ALA A 614 -21.72 16.63 -8.47
C ALA A 614 -22.04 17.55 -7.27
N ILE A 615 -21.65 17.14 -6.07
CA ILE A 615 -21.78 18.03 -4.89
C ILE A 615 -20.95 19.30 -5.09
N GLY A 616 -19.70 19.14 -5.53
CA GLY A 616 -18.86 20.28 -5.93
C GLY A 616 -19.51 21.20 -6.95
N ASP A 617 -20.19 20.63 -7.94
CA ASP A 617 -20.84 21.42 -8.97
C ASP A 617 -21.88 22.40 -8.38
N VAL A 618 -22.62 21.95 -7.38
CA VAL A 618 -23.60 22.81 -6.70
C VAL A 618 -22.89 23.68 -5.70
N VAL A 619 -22.15 23.05 -4.80
CA VAL A 619 -21.59 23.76 -3.67
C VAL A 619 -20.64 24.84 -4.17
N ASN A 620 -19.69 24.46 -5.02
CA ASN A 620 -18.62 25.38 -5.44
C ASN A 620 -19.07 26.55 -6.32
N HIS A 621 -20.35 26.57 -6.70
CA HIS A 621 -20.89 27.63 -7.57
C HIS A 621 -22.05 28.40 -6.94
N ASP A 622 -22.23 28.20 -5.62
CA ASP A 622 -23.24 28.92 -4.85
C ASP A 622 -22.64 30.21 -4.27
N PRO A 623 -23.09 31.39 -4.76
CA PRO A 623 -22.51 32.67 -4.31
C PRO A 623 -22.64 32.91 -2.81
N VAL A 624 -23.77 32.50 -2.24
CA VAL A 624 -23.98 32.56 -0.81
C VAL A 624 -22.88 31.83 0.02
N VAL A 625 -22.29 30.79 -0.57
CA VAL A 625 -21.26 29.99 0.07
C VAL A 625 -19.94 30.66 -0.17
N GLY A 626 -19.73 31.16 -1.39
CA GLY A 626 -18.43 31.73 -1.81
C GLY A 626 -17.24 30.84 -1.49
N ASP A 627 -16.21 31.40 -0.87
CA ASP A 627 -15.03 30.62 -0.53
C ASP A 627 -15.05 30.01 0.89
N ARG A 628 -16.21 29.95 1.53
CA ARG A 628 -16.29 29.32 2.87
C ARG A 628 -16.47 27.79 2.84
N LEU A 629 -16.87 27.23 1.70
CA LEU A 629 -16.85 25.78 1.49
C LEU A 629 -16.53 25.43 0.06
N ARG A 630 -15.48 24.63 -0.13
CA ARG A 630 -15.22 24.00 -1.42
C ARG A 630 -15.08 22.49 -1.27
N VAL A 631 -15.58 21.79 -2.29
CA VAL A 631 -15.46 20.32 -2.41
C VAL A 631 -14.81 19.95 -3.75
N ILE A 632 -13.64 19.31 -3.69
CA ILE A 632 -12.90 18.98 -4.89
C ILE A 632 -12.44 17.52 -4.84
N PHE A 633 -12.40 16.88 -6.01
CA PHE A 633 -12.00 15.49 -6.13
C PHE A 633 -10.62 15.47 -6.70
N LEU A 634 -9.64 14.98 -5.94
CA LEU A 634 -8.26 14.91 -6.39
C LEU A 634 -8.07 13.74 -7.35
N GLU A 635 -7.71 14.10 -8.58
CA GLU A 635 -7.59 13.17 -9.68
C GLU A 635 -6.28 12.42 -9.57
N ASN A 636 -6.35 11.12 -9.89
CA ASN A 636 -5.17 10.25 -10.01
C ASN A 636 -4.36 10.07 -8.72
N TYR A 637 -5.04 9.89 -7.60
CA TYR A 637 -4.36 9.64 -6.33
C TYR A 637 -3.43 8.43 -6.49
N ARG A 638 -2.19 8.65 -6.04
CA ARG A 638 -1.09 7.75 -6.29
C ARG A 638 0.03 8.18 -5.33
N VAL A 639 1.14 7.43 -5.27
CA VAL A 639 2.18 7.66 -4.22
C VAL A 639 2.75 9.08 -4.29
N SER A 640 3.01 9.58 -5.51
CA SER A 640 3.65 10.90 -5.68
C SER A 640 2.70 11.98 -5.19
N LEU A 641 1.42 11.81 -5.50
CA LEU A 641 0.39 12.75 -5.10
C LEU A 641 0.12 12.74 -3.57
N ALA A 642 0.18 11.57 -2.96
CA ALA A 642 0.10 11.44 -1.49
C ALA A 642 1.18 12.28 -0.82
N GLU A 643 2.40 12.16 -1.33
CA GLU A 643 3.56 12.97 -0.87
C GLU A 643 3.37 14.46 -0.98
N LYS A 644 2.49 14.90 -1.87
CA LYS A 644 2.12 16.32 -2.01
C LYS A 644 0.96 16.78 -1.09
N VAL A 645 -0.13 16.02 -1.07
CA VAL A 645 -1.31 16.44 -0.33
C VAL A 645 -1.28 16.19 1.18
N ILE A 646 -0.62 15.10 1.61
CA ILE A 646 -0.61 14.71 3.02
C ILE A 646 0.12 15.75 3.90
N PRO A 647 1.32 16.23 3.47
CA PRO A 647 1.94 17.34 4.23
C PRO A 647 1.13 18.64 4.24
N ALA A 648 0.16 18.76 3.33
CA ALA A 648 -0.71 19.92 3.26
C ALA A 648 -1.99 19.78 4.12
N ALA A 649 -2.22 18.62 4.72
CA ALA A 649 -3.54 18.34 5.25
C ALA A 649 -3.61 18.79 6.72
N ASP A 650 -4.77 19.35 7.07
CA ASP A 650 -5.16 19.69 8.44
C ASP A 650 -5.91 18.56 9.10
N LEU A 651 -6.93 18.04 8.42
CA LEU A 651 -7.77 17.01 8.98
C LEU A 651 -7.66 15.75 8.11
N SER A 652 -7.49 14.62 8.79
CA SER A 652 -7.23 13.32 8.17
C SER A 652 -8.44 12.45 8.39
N GLU A 653 -9.15 12.15 7.32
CA GLU A 653 -10.40 11.36 7.35
C GLU A 653 -10.10 9.88 7.30
N GLN A 654 -10.48 9.21 8.38
CA GLN A 654 -10.16 7.81 8.58
C GLN A 654 -11.38 7.16 9.21
N ILE A 655 -12.45 7.09 8.42
CA ILE A 655 -13.82 6.94 8.88
C ILE A 655 -14.49 5.62 8.44
N SER A 656 -13.67 4.61 8.23
CA SER A 656 -14.17 3.24 7.97
C SER A 656 -15.19 2.80 9.02
N THR A 657 -16.10 1.91 8.63
CA THR A 657 -17.02 1.29 9.57
C THR A 657 -16.21 0.40 10.53
N ALA A 658 -16.46 0.51 11.84
CA ALA A 658 -15.69 -0.24 12.82
C ALA A 658 -15.74 -1.75 12.57
N GLY A 659 -14.57 -2.37 12.54
CA GLY A 659 -14.45 -3.74 12.17
C GLY A 659 -13.97 -3.96 10.74
N THR A 660 -13.98 -2.93 9.89
CA THR A 660 -13.71 -3.15 8.45
C THR A 660 -12.30 -2.84 7.89
N GLU A 661 -11.56 -1.91 8.51
CA GLU A 661 -10.23 -1.58 8.07
C GLU A 661 -9.22 -2.32 8.96
N ALA A 662 -8.58 -3.36 8.46
CA ALA A 662 -7.64 -4.18 9.29
C ALA A 662 -6.60 -3.31 10.06
N SER A 663 -6.02 -2.35 9.34
CA SER A 663 -5.01 -1.46 9.91
C SER A 663 -5.18 -0.04 9.37
N GLY A 664 -5.08 0.08 8.05
CA GLY A 664 -4.68 1.31 7.35
C GLY A 664 -3.21 1.71 7.52
N THR A 665 -2.74 2.56 6.62
CA THR A 665 -1.40 3.17 6.73
C THR A 665 -1.41 4.64 6.31
N GLY A 666 -2.39 5.06 5.50
CA GLY A 666 -2.55 6.48 5.19
C GLY A 666 -2.77 7.26 6.48
N ASN A 667 -3.61 6.71 7.36
CA ASN A 667 -3.79 7.23 8.72
C ASN A 667 -2.47 7.66 9.41
N MET A 668 -1.49 6.76 9.36
CA MET A 668 -0.17 6.95 9.90
C MET A 668 0.57 8.09 9.17
N LYS A 669 0.42 8.11 7.86
CA LYS A 669 1.04 9.19 7.09
C LYS A 669 0.64 10.56 7.61
N PHE A 670 -0.66 10.73 7.78
CA PHE A 670 -1.23 12.01 8.19
C PHE A 670 -0.75 12.38 9.59
N MET A 671 -0.74 11.42 10.51
CA MET A 671 -0.29 11.65 11.88
C MET A 671 1.16 12.18 11.90
N LEU A 672 2.03 11.52 11.14
CA LEU A 672 3.43 11.92 11.01
C LEU A 672 3.64 13.31 10.39
N ASN A 673 2.69 13.76 9.56
CA ASN A 673 2.87 15.01 8.81
C ASN A 673 2.05 16.23 9.32
N GLY A 674 1.59 16.19 10.57
CA GLY A 674 0.96 17.36 11.20
C GLY A 674 -0.53 17.57 10.95
N ALA A 675 -1.25 16.52 10.61
CA ALA A 675 -2.70 16.62 10.52
C ALA A 675 -3.26 16.05 11.78
N LEU A 676 -4.44 16.53 12.18
CA LEU A 676 -5.21 15.84 13.22
C LEU A 676 -6.13 14.79 12.57
N THR A 677 -6.46 13.74 13.32
CA THR A 677 -7.28 12.70 12.78
C THR A 677 -8.72 12.71 13.31
N ILE A 678 -9.68 12.64 12.39
CA ILE A 678 -11.08 12.25 12.71
C ILE A 678 -11.31 10.84 12.22
N GLY A 679 -11.82 10.00 13.12
CA GLY A 679 -11.84 8.60 12.89
C GLY A 679 -12.69 7.76 13.81
N THR A 680 -12.85 6.52 13.36
CA THR A 680 -13.44 5.47 14.14
C THR A 680 -12.36 4.70 14.90
N MET A 681 -12.83 3.93 15.87
CA MET A 681 -12.00 3.00 16.63
C MET A 681 -11.90 1.70 15.78
N ASP A 682 -11.13 1.83 14.68
CA ASP A 682 -10.97 0.78 13.66
C ASP A 682 -9.52 0.70 13.33
N GLY A 683 -9.04 -0.50 12.99
CA GLY A 683 -7.68 -0.68 12.48
C GLY A 683 -6.64 -0.08 13.41
N ALA A 684 -5.61 0.55 12.87
CA ALA A 684 -4.52 1.10 13.70
C ALA A 684 -4.89 2.43 14.31
N ASN A 685 -6.02 3.02 13.88
CA ASN A 685 -6.58 4.23 14.54
C ASN A 685 -6.58 4.05 16.05
N VAL A 686 -6.95 2.85 16.47
CA VAL A 686 -7.04 2.52 17.91
C VAL A 686 -5.71 2.68 18.64
N GLU A 687 -4.65 2.17 18.02
CA GLU A 687 -3.27 2.23 18.57
C GLU A 687 -2.64 3.61 18.50
N MET A 688 -2.91 4.30 17.41
CA MET A 688 -2.56 5.71 17.25
C MET A 688 -3.15 6.57 18.38
N ALA A 689 -4.46 6.44 18.60
CA ALA A 689 -5.15 7.08 19.74
C ALA A 689 -4.55 6.69 21.08
N GLU A 690 -4.26 5.41 21.25
CA GLU A 690 -3.62 4.96 22.45
C GLU A 690 -2.27 5.65 22.58
N GLU A 691 -1.54 5.78 21.47
CA GLU A 691 -0.17 6.32 21.53
C GLU A 691 -0.17 7.81 21.86
N ALA A 692 -1.10 8.56 21.26
CA ALA A 692 -1.22 10.01 21.41
C ALA A 692 -2.03 10.47 22.63
N GLY A 693 -2.87 9.57 23.16
CA GLY A 693 -4.03 9.98 23.98
C GLY A 693 -5.29 10.28 23.16
N GLU A 694 -6.40 9.64 23.51
CA GLU A 694 -7.71 9.91 22.91
C GLU A 694 -8.16 11.34 22.99
N GLU A 695 -7.68 12.07 24.01
CA GLU A 695 -7.89 13.53 24.05
C GLU A 695 -7.36 14.21 22.81
N ASN A 696 -6.41 13.59 22.13
CA ASN A 696 -5.68 14.23 21.01
C ASN A 696 -6.13 13.74 19.62
N PHE A 697 -7.24 13.01 19.60
CA PHE A 697 -7.85 12.46 18.39
C PHE A 697 -9.35 12.73 18.40
N PHE A 698 -9.92 12.95 17.23
CA PHE A 698 -11.35 13.16 17.07
C PHE A 698 -12.00 11.78 16.76
N ILE A 699 -12.16 10.99 17.80
CA ILE A 699 -12.78 9.65 17.71
C ILE A 699 -14.29 9.68 17.80
N PHE A 700 -14.96 9.00 16.91
CA PHE A 700 -16.44 9.04 16.92
C PHE A 700 -17.02 7.70 16.43
N GLY A 701 -18.33 7.58 16.60
CA GLY A 701 -19.10 6.52 16.00
C GLY A 701 -19.08 5.24 16.77
N MET A 702 -19.74 4.25 16.19
CA MET A 702 -19.83 2.91 16.80
C MET A 702 -18.44 2.27 16.92
N ARG A 703 -18.25 1.55 18.01
CA ARG A 703 -17.15 0.62 18.17
C ARG A 703 -17.60 -0.68 17.54
N VAL A 704 -16.66 -1.59 17.35
CA VAL A 704 -16.94 -2.95 16.87
C VAL A 704 -18.11 -3.58 17.61
N GLU A 705 -18.10 -3.51 18.95
CA GLU A 705 -19.20 -4.04 19.77
C GLU A 705 -20.59 -3.51 19.35
N ASP A 706 -20.68 -2.24 18.98
CA ASP A 706 -21.98 -1.65 18.64
C ASP A 706 -22.42 -2.08 17.26
N VAL A 707 -21.45 -2.29 16.38
CA VAL A 707 -21.74 -2.76 15.04
C VAL A 707 -22.36 -4.17 15.17
N ASP A 708 -21.67 -5.06 15.87
CA ASP A 708 -22.16 -6.41 16.16
C ASP A 708 -23.61 -6.38 16.71
N ARG A 709 -23.88 -5.55 17.73
CA ARG A 709 -25.22 -5.52 18.33
C ARG A 709 -26.30 -5.12 17.34
N LEU A 710 -25.91 -4.23 16.44
CA LEU A 710 -26.81 -3.78 15.40
C LEU A 710 -27.08 -4.89 14.39
N ASP A 711 -26.10 -5.76 14.16
CA ASP A 711 -26.24 -6.92 13.27
C ASP A 711 -27.15 -7.98 13.85
N GLN A 712 -27.05 -8.20 15.16
CA GLN A 712 -27.89 -9.16 15.88
C GLN A 712 -29.38 -8.81 15.74
N ARG A 713 -29.75 -7.55 15.93
CA ARG A 713 -31.18 -7.17 15.67
C ARG A 713 -31.47 -6.61 14.26
N GLY A 714 -30.44 -6.47 13.42
CA GLY A 714 -30.67 -6.10 12.02
C GLY A 714 -30.64 -4.59 11.83
N TYR A 715 -29.88 -4.15 10.83
CA TYR A 715 -29.68 -2.71 10.60
C TYR A 715 -30.84 -2.19 9.74
N ASN A 716 -31.59 -1.25 10.31
CA ASN A 716 -32.70 -0.60 9.62
C ASN A 716 -32.41 0.89 9.45
N ALA A 717 -31.89 1.27 8.28
CA ALA A 717 -31.56 2.66 7.97
C ALA A 717 -32.74 3.62 8.07
N GLN A 718 -33.93 3.11 7.78
CA GLN A 718 -35.18 3.90 7.85
C GLN A 718 -35.40 4.55 9.21
N GLU A 719 -35.09 3.81 10.29
CA GLU A 719 -35.11 4.38 11.65
C GLU A 719 -34.31 5.71 11.71
N TYR A 720 -33.10 5.69 11.16
CA TYR A 720 -32.21 6.84 11.22
C TYR A 720 -32.75 7.99 10.38
N TYR A 721 -33.24 7.65 9.18
CA TYR A 721 -33.96 8.60 8.33
C TYR A 721 -35.24 9.20 9.01
N ASP A 722 -36.00 8.39 9.73
CA ASP A 722 -37.24 8.88 10.30
C ASP A 722 -37.00 9.75 11.52
N ARG A 723 -35.82 9.66 12.11
CA ARG A 723 -35.50 10.41 13.36
C ARG A 723 -34.52 11.56 13.19
N ILE A 724 -33.99 11.77 11.99
CA ILE A 724 -33.00 12.82 11.73
C ILE A 724 -33.37 13.68 10.54
N PRO A 725 -34.00 14.85 10.78
CA PRO A 725 -34.50 15.76 9.74
C PRO A 725 -33.45 16.25 8.72
N GLU A 726 -32.26 16.60 9.23
CA GLU A 726 -31.09 16.93 8.40
C GLU A 726 -30.65 15.82 7.42
N LEU A 727 -30.71 14.57 7.86
CA LEU A 727 -30.37 13.44 7.01
C LEU A 727 -31.45 13.24 5.97
N ARG A 728 -32.69 13.15 6.44
CA ARG A 728 -33.87 13.13 5.58
C ARG A 728 -33.76 14.15 4.44
N GLN A 729 -33.35 15.37 4.78
CA GLN A 729 -33.26 16.46 3.78
C GLN A 729 -32.26 16.10 2.66
N ILE A 730 -31.11 15.61 3.07
CA ILE A 730 -30.00 15.31 2.15
C ILE A 730 -30.41 14.22 1.17
N ILE A 731 -30.95 13.16 1.73
CA ILE A 731 -31.51 12.06 0.96
C ILE A 731 -32.57 12.49 -0.04
N GLU A 732 -33.44 13.42 0.35
CA GLU A 732 -34.39 13.97 -0.62
C GLU A 732 -33.70 14.84 -1.67
N GLN A 733 -32.71 15.63 -1.26
CA GLN A 733 -31.83 16.29 -2.28
C GLN A 733 -31.29 15.28 -3.31
N LEU A 734 -30.78 14.15 -2.86
CA LEU A 734 -30.28 13.12 -3.79
C LEU A 734 -31.39 12.52 -4.67
N SER A 735 -32.45 12.04 -4.04
CA SER A 735 -33.54 11.37 -4.74
C SER A 735 -34.15 12.26 -5.76
N SER A 736 -34.43 13.49 -5.35
CA SER A 736 -35.27 14.40 -6.12
C SER A 736 -34.47 14.95 -7.29
N GLY A 737 -33.15 14.94 -7.15
CA GLY A 737 -32.24 15.31 -8.23
C GLY A 737 -31.60 16.67 -8.12
N PHE A 738 -31.52 17.18 -6.87
CA PHE A 738 -30.88 18.46 -6.51
C PHE A 738 -29.38 18.52 -6.89
N PHE A 739 -28.73 17.39 -6.81
CA PHE A 739 -27.36 17.27 -7.25
C PHE A 739 -27.21 16.67 -8.65
N SER A 740 -28.23 16.79 -9.49
CA SER A 740 -28.13 16.32 -10.90
C SER A 740 -29.45 16.67 -11.60
N PRO A 741 -29.71 17.98 -11.75
CA PRO A 741 -30.97 18.48 -12.31
C PRO A 741 -31.24 17.95 -13.72
N LYS A 742 -30.18 17.88 -14.55
CA LYS A 742 -30.28 17.32 -15.90
C LYS A 742 -30.65 15.83 -15.90
N GLN A 743 -30.32 15.14 -14.82
CA GLN A 743 -30.54 13.72 -14.75
C GLN A 743 -31.08 13.40 -13.36
N PRO A 744 -32.39 13.67 -13.12
CA PRO A 744 -32.93 13.69 -11.76
C PRO A 744 -32.69 12.45 -10.94
N ASP A 745 -32.76 11.28 -11.56
CA ASP A 745 -32.60 10.03 -10.84
C ASP A 745 -31.17 9.42 -10.94
N LEU A 746 -30.18 10.21 -11.36
CA LEU A 746 -28.78 9.75 -11.44
C LEU A 746 -28.31 8.95 -10.19
N PHE A 747 -28.72 9.39 -8.98
CA PHE A 747 -28.21 8.84 -7.71
C PHE A 747 -29.12 7.84 -6.98
N LYS A 748 -30.11 7.30 -7.70
CA LYS A 748 -31.10 6.36 -7.13
C LYS A 748 -30.47 5.07 -6.56
N ASP A 749 -29.41 4.59 -7.18
CA ASP A 749 -28.80 3.37 -6.70
C ASP A 749 -28.13 3.61 -5.36
N ILE A 750 -27.52 4.79 -5.21
CA ILE A 750 -26.88 5.17 -3.94
C ILE A 750 -27.89 5.36 -2.82
N VAL A 751 -29.00 5.99 -3.15
CA VAL A 751 -30.12 6.18 -2.22
C VAL A 751 -30.69 4.84 -1.76
N ASN A 752 -31.02 3.99 -2.73
CA ASN A 752 -31.59 2.66 -2.50
C ASN A 752 -30.69 1.83 -1.63
N MET A 753 -29.41 1.87 -1.94
CA MET A 753 -28.39 1.12 -1.21
C MET A 753 -28.32 1.55 0.25
N LEU A 754 -28.22 2.87 0.47
CA LEU A 754 -28.15 3.45 1.81
C LEU A 754 -29.45 3.18 2.57
N MET A 755 -30.59 3.27 1.89
CA MET A 755 -31.86 3.13 2.59
C MET A 755 -32.16 1.68 2.93
N HIS A 756 -31.73 0.74 2.05
CA HIS A 756 -32.17 -0.68 2.10
C HIS A 756 -31.09 -1.76 2.02
N HIS A 757 -29.86 -1.45 1.62
CA HIS A 757 -28.82 -2.49 1.43
C HIS A 757 -27.42 -2.05 1.92
N ASP A 758 -27.39 -1.21 2.95
CA ASP A 758 -26.12 -0.69 3.50
C ASP A 758 -25.43 -1.66 4.48
N ARG A 759 -24.45 -2.34 3.97
CA ARG A 759 -23.57 -3.20 4.74
C ARG A 759 -22.65 -2.47 5.75
N PHE A 760 -22.45 -1.17 5.56
CA PHE A 760 -21.45 -0.42 6.31
C PHE A 760 -22.08 0.71 7.15
N LYS A 761 -23.40 0.67 7.24
CA LYS A 761 -24.14 1.41 8.25
C LYS A 761 -23.75 2.86 8.31
N VAL A 762 -23.84 3.53 7.17
CA VAL A 762 -23.51 4.94 7.03
C VAL A 762 -24.40 5.84 7.93
N PHE A 763 -25.72 5.64 7.86
CA PHE A 763 -26.63 6.42 8.68
C PHE A 763 -26.39 6.28 10.20
N ALA A 764 -25.96 5.12 10.64
CA ALA A 764 -25.69 4.86 12.06
C ALA A 764 -24.55 5.67 12.70
N ASP A 765 -23.60 6.14 11.89
CA ASP A 765 -22.58 7.05 12.38
C ASP A 765 -22.76 8.51 11.98
N TYR A 766 -23.84 8.83 11.25
CA TYR A 766 -24.03 10.19 10.74
C TYR A 766 -24.01 11.23 11.86
N GLU A 767 -24.84 11.04 12.89
CA GLU A 767 -24.93 12.09 13.93
C GLU A 767 -23.67 12.31 14.73
N GLU A 768 -23.10 11.24 15.27
CA GLU A 768 -21.83 11.31 15.98
C GLU A 768 -20.73 11.95 15.11
N TYR A 769 -20.71 11.60 13.82
CA TYR A 769 -19.74 12.17 12.91
C TYR A 769 -19.85 13.70 12.74
N VAL A 770 -21.08 14.16 12.49
CA VAL A 770 -21.35 15.58 12.24
C VAL A 770 -21.00 16.43 13.47
N LYS A 771 -21.36 15.90 14.65
CA LYS A 771 -21.02 16.49 15.94
C LYS A 771 -19.53 16.55 16.17
N CYS A 772 -18.86 15.48 15.79
CA CYS A 772 -17.42 15.36 15.98
C CYS A 772 -16.71 16.39 15.08
N GLN A 773 -17.20 16.50 13.84
CA GLN A 773 -16.75 17.51 12.89
C GLN A 773 -16.96 18.93 13.45
N GLU A 774 -17.97 19.12 14.28
CA GLU A 774 -18.20 20.44 14.93
C GLU A 774 -17.10 20.73 15.93
N ARG A 775 -16.67 19.69 16.63
CA ARG A 775 -15.60 19.87 17.60
C ARG A 775 -14.31 20.19 16.86
N VAL A 776 -14.16 19.60 15.68
CA VAL A 776 -12.97 19.82 14.87
C VAL A 776 -12.85 21.29 14.54
N SER A 777 -13.96 21.84 14.06
CA SER A 777 -14.00 23.23 13.72
C SER A 777 -13.75 24.13 14.94
N ALA A 778 -14.44 23.84 16.03
CA ALA A 778 -14.27 24.52 17.32
C ALA A 778 -12.80 24.63 17.65
N LEU A 779 -12.08 23.52 17.55
CA LEU A 779 -10.65 23.56 17.85
C LEU A 779 -9.82 24.40 16.86
N TYR A 780 -10.21 24.35 15.59
CA TYR A 780 -9.47 25.00 14.50
C TYR A 780 -9.54 26.53 14.63
N LYS A 781 -10.63 27.04 15.20
CA LYS A 781 -10.76 28.46 15.59
C LYS A 781 -9.72 28.97 16.63
N ASN A 782 -9.04 28.03 17.31
CA ASN A 782 -7.95 28.30 18.24
C ASN A 782 -6.62 27.73 17.69
N PRO A 783 -5.93 28.52 16.83
CA PRO A 783 -4.72 28.08 16.11
C PRO A 783 -3.64 27.48 17.03
N ARG A 784 -3.38 28.15 18.13
CA ARG A 784 -2.36 27.71 19.10
C ARG A 784 -2.68 26.31 19.64
N GLU A 785 -3.93 26.11 20.04
CA GLU A 785 -4.32 24.84 20.65
C GLU A 785 -4.48 23.72 19.64
N TRP A 786 -4.80 24.07 18.40
CA TRP A 786 -4.74 23.15 17.27
C TRP A 786 -3.30 22.66 17.07
N THR A 787 -2.37 23.59 16.98
CA THR A 787 -1.00 23.24 16.77
C THR A 787 -0.36 22.47 17.94
N ARG A 788 -0.74 22.80 19.17
CA ARG A 788 -0.26 22.08 20.34
C ARG A 788 -0.73 20.63 20.30
N MET A 789 -1.97 20.42 19.86
CA MET A 789 -2.51 19.07 19.72
C MET A 789 -1.82 18.34 18.58
N VAL A 790 -1.52 19.04 17.48
CA VAL A 790 -0.74 18.47 16.40
C VAL A 790 0.65 18.02 16.91
N ILE A 791 1.28 18.87 17.71
CA ILE A 791 2.56 18.49 18.32
C ILE A 791 2.44 17.17 19.10
N ARG A 792 1.42 17.08 19.93
CA ARG A 792 1.10 15.84 20.65
C ARG A 792 0.91 14.60 19.73
N ASN A 793 0.55 14.82 18.47
CA ASN A 793 0.33 13.73 17.52
C ASN A 793 1.65 13.30 16.84
N ILE A 794 2.36 14.26 16.26
CA ILE A 794 3.72 14.03 15.68
C ILE A 794 4.66 13.36 16.69
N ALA A 795 4.69 13.93 17.88
CA ALA A 795 5.56 13.45 18.95
C ALA A 795 5.31 12.00 19.28
N THR A 796 4.14 11.49 18.90
CA THR A 796 3.73 10.18 19.35
C THR A 796 3.47 9.19 18.19
N SER A 797 3.91 9.56 17.01
CA SER A 797 3.75 8.71 15.82
C SER A 797 4.87 7.69 15.63
N GLY A 798 5.92 7.74 16.47
CA GLY A 798 7.07 6.82 16.38
C GLY A 798 6.73 5.35 16.27
N LYS A 799 5.77 4.87 17.06
CA LYS A 799 5.37 3.46 16.95
C LYS A 799 5.12 3.02 15.48
N PHE A 800 4.71 3.95 14.63
CA PHE A 800 4.21 3.66 13.30
C PHE A 800 5.26 3.69 12.20
N SER A 801 6.52 3.74 12.63
CA SER A 801 7.66 3.48 11.74
C SER A 801 7.65 2.04 11.29
N SER A 802 7.87 1.84 10.00
CA SER A 802 7.97 0.51 9.46
C SER A 802 9.25 -0.20 9.93
N ASP A 803 10.26 0.55 10.43
CA ASP A 803 11.45 -0.10 10.98
C ASP A 803 11.08 -0.91 12.19
N ARG A 804 10.23 -0.32 13.03
CA ARG A 804 9.65 -1.00 14.19
C ARG A 804 8.93 -2.27 13.80
N THR A 805 8.07 -2.17 12.79
CA THR A 805 7.31 -3.33 12.29
C THR A 805 8.24 -4.45 11.77
N ILE A 806 9.19 -4.06 10.93
CA ILE A 806 10.13 -5.00 10.31
C ILE A 806 11.03 -5.68 11.37
N ALA A 807 11.46 -4.93 12.39
CA ALA A 807 12.24 -5.54 13.45
C ALA A 807 11.43 -6.57 14.21
N GLN A 808 10.11 -6.37 14.39
CA GLN A 808 9.26 -7.42 14.99
C GLN A 808 9.17 -8.63 14.06
N TYR A 809 8.93 -8.41 12.76
CA TYR A 809 9.02 -9.52 11.78
C TYR A 809 10.36 -10.32 11.91
N ALA A 810 11.48 -9.59 11.89
CA ALA A 810 12.82 -10.18 11.97
C ALA A 810 13.02 -11.03 13.25
N ARG A 811 12.68 -10.48 14.40
CA ARG A 811 12.81 -11.20 15.69
C ARG A 811 11.74 -12.25 15.99
N GLU A 812 10.48 -12.01 15.58
CA GLU A 812 9.36 -12.89 16.00
C GLU A 812 8.90 -13.91 14.97
N ILE A 813 9.26 -13.72 13.72
CA ILE A 813 8.90 -14.63 12.64
C ILE A 813 10.14 -15.18 11.93
N TRP A 814 10.94 -14.30 11.32
CA TRP A 814 12.08 -14.75 10.48
C TRP A 814 13.26 -15.34 11.27
N GLY A 815 13.40 -14.89 12.53
CA GLY A 815 14.47 -15.35 13.40
C GLY A 815 15.80 -14.78 12.99
N VAL A 816 15.81 -13.50 12.62
CA VAL A 816 17.04 -12.74 12.33
C VAL A 816 17.14 -11.44 13.18
N GLU A 817 18.36 -11.03 13.53
CA GLU A 817 18.59 -9.77 14.27
C GLU A 817 18.84 -8.59 13.34
N PRO A 818 18.03 -7.54 13.43
CA PRO A 818 18.27 -6.35 12.61
C PRO A 818 19.51 -5.53 13.05
N SER A 819 19.98 -4.64 12.17
CA SER A 819 21.15 -3.81 12.49
C SER A 819 21.23 -2.52 11.64
N ARG A 820 21.60 -1.43 12.30
CA ARG A 820 21.83 -0.15 11.64
C ARG A 820 23.33 0.23 11.52
N GLN A 821 24.22 -0.77 11.52
CA GLN A 821 25.66 -0.52 11.33
C GLN A 821 25.96 -0.20 9.87
N ARG A 822 26.70 0.89 9.65
CA ARG A 822 27.22 1.26 8.32
C ARG A 822 28.02 0.11 7.69
N LEU A 823 27.78 -0.17 6.41
CA LEU A 823 28.73 -0.92 5.59
C LEU A 823 29.81 0.10 5.19
N PRO A 824 31.06 -0.35 4.93
CA PRO A 824 32.11 0.64 4.62
C PRO A 824 31.92 1.32 3.26
N ALA A 825 32.54 2.50 3.09
CA ALA A 825 32.47 3.32 1.84
C ALA A 825 31.32 2.99 0.87
N1 PLR B . -2.79 4.46 -1.76
C2 PLR B . -1.67 5.28 -1.75
C2A PLR B . -1.20 5.96 -3.00
C3 PLR B . -0.98 5.48 -0.57
O3 PLR B . 0.29 6.04 -0.60
C4 PLR B . -1.43 4.83 0.60
C4A PLR B . -0.66 5.07 1.87
C5 PLR B . -2.56 4.01 0.58
C6 PLR B . -3.26 3.85 -0.62
C5A PLR B . -3.14 3.43 1.87
O4P PLR B . -3.96 4.39 2.50
P PLR B . -5.25 3.92 3.41
O1P PLR B . -5.96 5.24 3.74
O2P PLR B . -6.13 3.01 2.62
O3P PLR B . -4.72 3.23 4.64
CL 3TH C . 22.04 0.86 -9.95
C2 3TH C . 21.80 0.50 -11.64
C3 3TH C . 22.79 0.47 -12.64
C4 3TH C . 22.16 0.12 -13.83
C5 3TH C . 22.57 -0.07 -15.17
C6 3TH C . 21.40 -0.42 -15.87
N7 3TH C . 20.39 -0.43 -14.91
C9 3TH C . 20.85 -0.10 -13.70
S10 3TH C . 20.20 0.08 -12.16
C11 3TH C . 21.10 -0.74 -17.28
O12 3TH C . 19.89 -0.73 -17.65
N13 3TH C . 22.13 -1.07 -18.17
C14 3TH C . 21.90 -1.42 -19.60
C15 3TH C . 22.84 -2.49 -20.17
C16 3TH C . 22.63 -2.63 -21.65
C17 3TH C . 22.74 -3.87 -22.31
C18 3TH C . 22.52 -3.98 -23.68
C19 3TH C . 22.21 -2.85 -24.44
C20 3TH C . 22.11 -1.59 -23.83
C21 3TH C . 22.31 -1.49 -22.44
N22 3TH C . 22.18 -0.25 -21.80
C23 3TH C . 21.97 -0.14 -20.45
O24 3TH C . 21.84 0.97 -19.96
#